data_5TMK
#
_entry.id   5TMK
#
_cell.length_a   139.717
_cell.length_b   139.717
_cell.length_c   139.717
_cell.angle_alpha   90.000
_cell.angle_beta   90.000
_cell.angle_gamma   90.000
#
_symmetry.space_group_name_H-M   'P 21 3'
#
loop_
_entity.id
_entity.type
_entity.pdbx_description
1 polymer Renin
2 non-polymer 2-acetamido-2-deoxy-beta-D-glucopyranose
3 non-polymer 1-(4-methoxybutyl)-N-(2-methylpropyl)-N-[(3S,5R)-5-(morpholine-4-carbonyl)piperidin-3-yl]-5-phenyl-1H-pyrrole-2-carboxamide
4 non-polymer 'DIMETHYL SULFOXIDE'
5 non-polymer DI(HYDROXYETHYL)ETHER
6 water water
#
_entity_poly.entity_id   1
_entity_poly.type   'polypeptide(L)'
_entity_poly.pdbx_seq_one_letter_code
;GNTTSSVILTNYMDTQYYGEIGIGTPPQTFKVVFDTGSSNVWVPSSKCSRLYTACVYHKLFDASDSSSYKHNGTELTLRY
STGTVSGFLSQDIITVGGITVTQMFGEVTEMPALPFMLAEFDGVVGMGFIEQAIGRVTPIFDNIISQGVLKEDVFSFYYN
RDSENSQSLGGQIVLGGSDPQHYEGNFHYINLIKTGVWQIQMKGVSVGSSTLLCEDGCLALVDTGASYISGSTSSIEKLM
EALGAKKRLFDYVVKCNEGPTLPDISFHLGGKEYTLTSADYVFQESYSSKKLCTLAIHAMDIPPPTGPTWALGATFIRKF
YTEFDRRNNRIGFALAR
;
_entity_poly.pdbx_strand_id   A,B
#
# COMPACT_ATOMS: atom_id res chain seq x y z
N GLY A 1 24.22 21.45 -11.66
CA GLY A 1 25.20 20.42 -12.12
C GLY A 1 24.52 19.20 -12.70
N ASN A 2 25.01 18.01 -12.30
CA ASN A 2 24.50 16.74 -12.81
C ASN A 2 24.23 15.68 -11.72
N THR A 3 24.69 15.95 -10.51
CA THR A 3 24.55 15.03 -9.36
C THR A 3 23.08 14.83 -8.98
N THR A 4 22.72 13.57 -8.76
CA THR A 4 21.53 13.20 -8.00
C THR A 4 22.01 12.52 -6.71
N SER A 5 21.21 12.59 -5.66
CA SER A 5 21.60 12.02 -4.37
C SER A 5 20.41 11.53 -3.54
N SER A 6 20.62 10.46 -2.78
CA SER A 6 19.54 9.86 -1.99
C SER A 6 19.86 9.74 -0.50
N VAL A 7 18.81 9.80 0.32
CA VAL A 7 18.89 9.53 1.75
C VAL A 7 17.97 8.34 2.04
N ILE A 8 18.55 7.28 2.61
CA ILE A 8 17.80 6.08 3.01
C ILE A 8 17.07 6.40 4.31
N LEU A 9 15.78 6.08 4.36
CA LEU A 9 14.96 6.34 5.54
C LEU A 9 14.52 5.07 6.24
N THR A 10 14.34 5.20 7.55
CA THR A 10 13.79 4.15 8.39
C THR A 10 12.32 4.47 8.65
N ASN A 11 11.48 3.45 8.54
CA ASN A 11 10.06 3.51 8.86
C ASN A 11 9.85 2.86 10.21
N TYR A 12 9.54 3.66 11.22
CA TYR A 12 9.07 3.13 12.49
C TYR A 12 7.55 3.17 12.55
N MET A 13 6.96 1.98 12.44
CA MET A 13 5.53 1.72 12.69
C MET A 13 4.53 2.59 11.91
N ASP A 14 4.93 2.98 10.69
CA ASP A 14 4.15 3.87 9.81
C ASP A 14 3.86 5.28 10.35
N THR A 15 4.46 5.60 11.49
CA THR A 15 4.22 6.88 12.15
C THR A 15 5.42 7.82 12.09
N GLN A 16 6.62 7.26 12.10
CA GLN A 16 7.85 8.06 12.04
C GLN A 16 8.76 7.62 10.91
N TYR A 17 9.14 8.59 10.08
CA TYR A 17 10.11 8.38 8.99
C TYR A 17 11.26 9.31 9.18
N TYR A 18 12.46 8.74 9.18
CA TYR A 18 13.67 9.51 9.48
C TYR A 18 14.90 8.89 8.84
N GLY A 19 15.85 9.74 8.49
CA GLY A 19 17.14 9.31 7.94
C GLY A 19 18.28 9.79 8.80
N GLU A 20 19.50 9.53 8.35
CA GLU A 20 20.69 9.93 9.09
C GLU A 20 21.41 11.06 8.40
N ILE A 21 21.86 12.02 9.21
CA ILE A 21 22.75 13.10 8.76
C ILE A 21 23.96 13.11 9.69
N GLY A 22 25.08 13.66 9.21
CA GLY A 22 26.25 13.85 10.05
C GLY A 22 26.47 15.33 10.28
N ILE A 23 26.88 15.70 11.50
CA ILE A 23 27.21 17.10 11.81
C ILE A 23 28.58 17.18 12.48
N GLY A 24 29.45 18.02 11.91
CA GLY A 24 30.76 18.31 12.48
C GLY A 24 31.93 17.52 11.94
N THR A 25 33.10 17.76 12.53
CA THR A 25 34.32 17.07 12.18
C THR A 25 34.97 16.59 13.49
N PRO A 26 35.06 15.28 13.72
CA PRO A 26 34.48 14.24 12.85
C PRO A 26 32.93 14.23 12.92
N PRO A 27 32.25 13.62 11.92
CA PRO A 27 30.79 13.72 11.87
C PRO A 27 30.12 12.98 13.03
N GLN A 28 29.27 13.70 13.76
CA GLN A 28 28.38 13.12 14.76
C GLN A 28 27.07 12.83 14.05
N THR A 29 26.58 11.61 14.17
CA THR A 29 25.40 11.17 13.40
C THR A 29 24.09 11.38 14.17
N PHE A 30 23.06 11.80 13.44
CA PHE A 30 21.74 12.05 14.00
C PHE A 30 20.66 11.45 13.12
N LYS A 31 19.61 10.96 13.76
CA LYS A 31 18.38 10.56 13.11
C LYS A 31 17.49 11.80 13.00
N VAL A 32 17.07 12.13 11.79
CA VAL A 32 16.30 13.35 11.54
C VAL A 32 15.07 13.09 10.65
N VAL A 33 13.98 13.76 11.00
CA VAL A 33 12.81 13.85 10.15
C VAL A 33 13.08 14.94 9.12
N PHE A 34 12.83 14.62 7.85
CA PHE A 34 12.90 15.59 6.77
C PHE A 34 11.51 16.16 6.54
N ASP A 35 11.37 17.44 6.84
CA ASP A 35 10.07 18.05 7.06
C ASP A 35 9.77 19.24 6.13
N THR A 36 8.91 19.00 5.15
CA THR A 36 8.46 20.07 4.24
C THR A 36 7.56 21.11 4.92
N GLY A 37 7.09 20.81 6.13
CA GLY A 37 6.21 21.68 6.89
C GLY A 37 6.92 22.69 7.77
N SER A 38 8.26 22.67 7.76
CA SER A 38 9.08 23.68 8.45
C SER A 38 10.41 23.89 7.70
N SER A 39 11.22 24.85 8.16
CA SER A 39 12.41 25.27 7.41
C SER A 39 13.71 25.38 8.22
N ASN A 40 13.67 24.95 9.48
CA ASN A 40 14.85 24.98 10.33
C ASN A 40 15.45 23.60 10.49
N VAL A 41 16.77 23.56 10.69
CA VAL A 41 17.46 22.34 11.10
C VAL A 41 17.76 22.43 12.60
N TRP A 42 17.41 21.39 13.35
CA TRP A 42 17.81 21.30 14.76
C TRP A 42 18.10 19.88 15.18
N VAL A 43 19.06 19.76 16.09
CA VAL A 43 19.33 18.51 16.79
C VAL A 43 19.42 18.83 18.30
N PRO A 44 19.32 17.80 19.17
CA PRO A 44 19.47 18.11 20.60
C PRO A 44 20.92 18.47 20.92
N SER A 45 21.11 19.45 21.81
CA SER A 45 22.43 19.93 22.20
C SER A 45 22.99 19.18 23.40
N SER A 46 24.31 19.09 23.49
CA SER A 46 24.98 18.60 24.70
C SER A 46 24.76 19.55 25.89
N LYS A 47 24.46 20.82 25.59
CA LYS A 47 24.11 21.81 26.60
C LYS A 47 22.66 21.72 27.11
N CYS A 48 21.90 20.76 26.58
CA CYS A 48 20.58 20.42 27.10
C CYS A 48 20.70 19.80 28.49
N SER A 49 19.95 20.35 29.42
CA SER A 49 19.85 19.83 30.79
C SER A 49 19.32 18.39 30.74
N ARG A 50 19.97 17.51 31.52
CA ARG A 50 19.56 16.10 31.58
C ARG A 50 18.29 15.90 32.42
N LEU A 51 17.76 17.00 32.94
CA LEU A 51 16.43 17.03 33.57
C LEU A 51 15.32 16.85 32.54
N TYR A 52 15.60 17.25 31.29
CA TYR A 52 14.82 16.82 30.13
C TYR A 52 15.24 15.39 29.78
N THR A 53 14.31 14.46 30.02
CA THR A 53 14.52 13.04 29.78
C THR A 53 14.76 12.73 28.29
N ALA A 54 14.15 13.51 27.41
CA ALA A 54 14.36 13.39 25.97
C ALA A 54 15.83 13.57 25.58
N CYS A 55 16.53 14.42 26.35
CA CYS A 55 17.96 14.66 26.13
C CYS A 55 18.85 13.54 26.68
N VAL A 56 18.29 12.70 27.55
CA VAL A 56 18.98 11.52 28.06
C VAL A 56 18.91 10.40 27.01
N TYR A 57 17.85 10.39 26.20
CA TYR A 57 17.54 9.26 25.29
C TYR A 57 17.89 9.47 23.82
N HIS A 58 18.22 10.69 23.44
CA HIS A 58 18.61 11.01 22.08
C HIS A 58 20.08 11.37 21.97
N LYS A 59 20.60 11.33 20.75
CA LYS A 59 21.93 11.79 20.48
C LYS A 59 21.99 13.31 20.69
N LEU A 60 23.07 13.76 21.29
CA LEU A 60 23.31 15.19 21.54
C LEU A 60 24.47 15.68 20.70
N PHE A 61 24.29 16.82 20.04
CA PHE A 61 25.40 17.48 19.36
C PHE A 61 26.33 18.12 20.37
N ASP A 62 27.58 17.67 20.34
CA ASP A 62 28.62 18.24 21.16
C ASP A 62 29.55 19.10 20.30
N ALA A 63 29.35 20.42 20.40
CA ALA A 63 30.21 21.41 19.74
C ALA A 63 31.69 21.25 20.10
N SER A 64 31.96 20.83 21.34
CA SER A 64 33.31 20.65 21.85
C SER A 64 34.11 19.52 21.18
N ASP A 65 33.44 18.71 20.36
CA ASP A 65 34.07 17.59 19.67
C ASP A 65 34.10 17.81 18.17
N SER A 66 33.73 19.01 17.75
CA SER A 66 33.74 19.37 16.34
C SER A 66 34.76 20.47 16.07
N SER A 67 35.72 20.18 15.20
CA SER A 67 36.75 21.14 14.82
C SER A 67 36.26 22.14 13.77
N SER A 68 35.07 21.90 13.22
CA SER A 68 34.49 22.73 12.17
C SER A 68 33.31 23.60 12.66
N TYR A 69 33.01 23.48 13.94
CA TYR A 69 31.98 24.27 14.61
C TYR A 69 32.28 25.77 14.55
N LYS A 70 31.25 26.55 14.24
CA LYS A 70 31.33 27.99 14.30
C LYS A 70 30.19 28.49 15.19
N HIS A 71 30.57 29.15 16.28
CA HIS A 71 29.66 29.71 17.27
C HIS A 71 28.76 30.78 16.66
N ASN A 72 27.51 30.82 17.14
CA ASN A 72 26.65 31.97 16.96
C ASN A 72 25.96 32.33 18.28
N GLY A 73 25.14 31.42 18.81
CA GLY A 73 24.55 31.58 20.13
C GLY A 73 23.29 32.41 20.25
N THR A 74 22.70 32.78 19.11
CA THR A 74 21.40 33.46 19.04
C THR A 74 20.31 32.49 19.47
N GLU A 75 19.48 32.92 20.42
CA GLU A 75 18.36 32.12 20.91
C GLU A 75 17.34 31.84 19.81
N LEU A 76 16.79 30.64 19.86
CA LEU A 76 15.88 30.15 18.84
C LEU A 76 14.77 29.37 19.54
N THR A 77 13.53 29.72 19.22
CA THR A 77 12.37 28.97 19.69
C THR A 77 11.55 28.56 18.48
N LEU A 78 11.39 27.25 18.31
CA LEU A 78 10.60 26.68 17.23
C LEU A 78 9.32 26.12 17.81
N ARG A 79 8.20 26.74 17.44
CA ARG A 79 6.88 26.32 17.90
C ARG A 79 6.20 25.53 16.80
N TYR A 80 6.20 24.21 16.96
CA TYR A 80 5.42 23.33 16.11
C TYR A 80 3.99 23.23 16.66
N SER A 81 3.07 22.69 15.86
CA SER A 81 1.68 22.49 16.28
C SER A 81 1.55 21.64 17.54
N THR A 82 2.53 20.76 17.75
CA THR A 82 2.43 19.70 18.77
C THR A 82 3.49 19.80 19.87
N GLY A 83 4.25 20.89 19.86
CA GLY A 83 5.31 21.07 20.83
C GLY A 83 6.38 22.06 20.41
N THR A 84 6.98 22.68 21.41
CA THR A 84 8.05 23.63 21.21
C THR A 84 9.37 22.97 21.54
N VAL A 85 10.39 23.30 20.74
CA VAL A 85 11.79 23.14 21.13
C VAL A 85 12.46 24.49 21.16
N SER A 86 13.41 24.62 22.07
CA SER A 86 14.12 25.87 22.27
C SER A 86 15.63 25.62 22.39
N GLY A 87 16.42 26.60 21.98
CA GLY A 87 17.87 26.51 22.06
C GLY A 87 18.55 27.70 21.42
N PHE A 88 19.64 27.43 20.72
CA PHE A 88 20.48 28.48 20.15
C PHE A 88 21.08 28.09 18.80
N LEU A 89 21.46 29.10 18.01
CA LEU A 89 22.03 28.87 16.69
C LEU A 89 23.49 28.51 16.72
N SER A 90 23.84 27.55 15.86
CA SER A 90 25.22 27.15 15.59
C SER A 90 25.41 26.91 14.10
N GLN A 91 26.66 26.96 13.68
CA GLN A 91 27.03 26.63 12.32
C GLN A 91 28.02 25.48 12.36
N ASP A 92 27.84 24.55 11.42
CA ASP A 92 28.79 23.46 11.20
C ASP A 92 28.58 22.82 9.83
N ILE A 93 29.44 21.89 9.48
CA ILE A 93 29.33 21.13 8.24
C ILE A 93 28.33 20.00 8.47
N ILE A 94 27.24 20.03 7.70
CA ILE A 94 26.23 18.96 7.74
C ILE A 94 26.38 18.11 6.49
N THR A 95 26.49 16.80 6.69
CA THR A 95 26.55 15.87 5.57
C THR A 95 25.23 15.09 5.43
N VAL A 96 24.64 15.18 4.24
CA VAL A 96 23.33 14.61 3.94
C VAL A 96 23.35 14.00 2.53
N GLY A 97 23.31 12.67 2.48
CA GLY A 97 23.38 11.90 1.24
C GLY A 97 24.64 12.10 0.43
N GLY A 98 25.79 12.21 1.11
CA GLY A 98 27.06 12.43 0.44
C GLY A 98 27.29 13.85 -0.06
N ILE A 99 26.45 14.77 0.40
CA ILE A 99 26.63 16.20 0.16
C ILE A 99 26.98 16.88 1.47
N THR A 100 28.12 17.56 1.50
CA THR A 100 28.48 18.41 2.65
C THR A 100 28.05 19.85 2.36
N VAL A 101 27.46 20.48 3.38
CA VAL A 101 27.07 21.89 3.34
C VAL A 101 27.43 22.54 4.66
N THR A 102 27.82 23.80 4.59
CA THR A 102 27.96 24.63 5.79
C THR A 102 26.58 25.17 6.11
N GLN A 103 26.07 24.78 7.28
CA GLN A 103 24.68 24.99 7.65
C GLN A 103 24.52 25.54 9.06
N MET A 104 23.79 26.65 9.17
CA MET A 104 23.27 27.11 10.45
C MET A 104 22.07 26.27 10.89
N PHE A 105 22.13 25.80 12.13
CA PHE A 105 21.14 24.89 12.70
C PHE A 105 20.98 25.18 14.18
N GLY A 106 19.85 24.75 14.73
CA GLY A 106 19.54 24.94 16.14
C GLY A 106 20.09 23.81 16.99
N GLU A 107 20.73 24.20 18.09
CA GLU A 107 21.16 23.29 19.12
C GLU A 107 20.08 23.39 20.20
N VAL A 108 19.30 22.33 20.36
CA VAL A 108 18.16 22.36 21.27
C VAL A 108 18.56 22.01 22.70
N THR A 109 18.25 22.93 23.61
CA THR A 109 18.60 22.81 25.01
C THR A 109 17.38 22.56 25.89
N GLU A 110 16.20 22.69 25.27
CA GLU A 110 14.91 22.51 25.94
C GLU A 110 14.01 21.66 25.04
N MET A 111 13.75 20.44 25.51
CA MET A 111 13.17 19.37 24.70
C MET A 111 12.17 18.56 25.54
N PRO A 112 10.88 18.95 25.51
CA PRO A 112 9.83 18.33 26.32
C PRO A 112 9.66 16.82 26.07
N ALA A 113 9.31 16.10 27.14
CA ALA A 113 9.09 14.67 27.09
C ALA A 113 7.99 14.32 26.10
N LEU A 114 6.92 15.12 26.10
CA LEU A 114 5.91 15.06 25.04
C LEU A 114 6.14 16.15 23.98
N PRO A 115 6.36 15.78 22.73
CA PRO A 115 6.25 14.39 22.23
C PRO A 115 7.60 13.65 22.06
N PHE A 116 8.70 14.27 22.47
CA PHE A 116 10.02 13.81 22.04
C PHE A 116 10.57 12.55 22.70
N MET A 117 10.04 12.20 23.87
CA MET A 117 10.30 10.89 24.47
C MET A 117 9.69 9.74 23.67
N LEU A 118 8.80 10.06 22.73
CA LEU A 118 8.16 9.07 21.88
C LEU A 118 8.77 9.04 20.46
N ALA A 119 9.77 9.89 20.26
CA ALA A 119 10.45 10.03 18.97
C ALA A 119 11.64 9.09 18.84
N GLU A 120 11.68 8.35 17.73
CA GLU A 120 12.86 7.59 17.37
C GLU A 120 13.93 8.48 16.72
N PHE A 121 13.49 9.58 16.11
CA PHE A 121 14.39 10.57 15.55
C PHE A 121 14.93 11.49 16.64
N ASP A 122 16.11 12.08 16.39
CA ASP A 122 16.75 13.03 17.30
C ASP A 122 16.35 14.47 17.00
N GLY A 123 16.29 14.84 15.73
CA GLY A 123 15.92 16.18 15.34
C GLY A 123 15.18 16.25 14.02
N VAL A 124 15.21 17.45 13.42
CA VAL A 124 14.42 17.75 12.23
C VAL A 124 15.28 18.48 11.20
N VAL A 125 15.13 18.09 9.93
CA VAL A 125 15.69 18.86 8.81
C VAL A 125 14.50 19.44 8.06
N GLY A 126 14.31 20.75 8.20
CA GLY A 126 13.24 21.46 7.52
C GLY A 126 13.51 21.59 6.03
N MET A 127 12.52 21.20 5.23
CA MET A 127 12.63 21.24 3.76
C MET A 127 11.80 22.36 3.14
N GLY A 128 11.27 23.25 3.99
CA GLY A 128 10.49 24.38 3.55
C GLY A 128 11.34 25.54 3.03
N PHE A 129 10.66 26.66 2.79
CA PHE A 129 11.27 27.84 2.18
C PHE A 129 11.82 28.76 3.26
N ILE A 130 12.75 29.64 2.88
CA ILE A 130 13.33 30.64 3.80
C ILE A 130 12.28 31.53 4.50
N GLU A 131 11.16 31.81 3.80
CA GLU A 131 10.03 32.61 4.32
C GLU A 131 9.47 32.14 5.67
N GLN A 132 9.49 30.82 5.90
CA GLN A 132 8.93 30.23 7.11
C GLN A 132 10.00 29.80 8.14
N ALA A 133 11.27 30.05 7.80
CA ALA A 133 12.39 29.77 8.70
C ALA A 133 12.47 30.77 9.83
N ILE A 134 12.49 30.26 11.07
CA ILE A 134 12.61 31.09 12.27
C ILE A 134 14.06 31.57 12.35
N GLY A 135 14.22 32.86 12.63
CA GLY A 135 15.53 33.52 12.66
C GLY A 135 16.07 33.88 11.28
N ARG A 136 15.23 33.74 10.25
CA ARG A 136 15.61 33.92 8.83
C ARG A 136 16.86 33.12 8.44
N VAL A 137 17.00 31.94 9.02
CA VAL A 137 18.13 31.03 8.77
C VAL A 137 17.94 30.41 7.38
N THR A 138 19.00 30.39 6.58
CA THR A 138 18.99 29.73 5.26
C THR A 138 18.73 28.22 5.45
N PRO A 139 17.65 27.69 4.83
CA PRO A 139 17.35 26.27 4.95
C PRO A 139 18.37 25.41 4.22
N ILE A 140 18.52 24.15 4.63
CA ILE A 140 19.54 23.27 4.07
C ILE A 140 19.45 23.08 2.56
N PHE A 141 18.24 22.96 2.02
CA PHE A 141 18.06 22.78 0.58
C PHE A 141 18.49 24.01 -0.22
N ASP A 142 18.17 25.19 0.31
CA ASP A 142 18.65 26.47 -0.26
C ASP A 142 20.19 26.52 -0.30
N ASN A 143 20.83 26.00 0.75
CA ASN A 143 22.28 25.87 0.80
C ASN A 143 22.87 24.85 -0.18
N ILE A 144 22.19 23.70 -0.33
CA ILE A 144 22.60 22.68 -1.30
C ILE A 144 22.47 23.22 -2.73
N ILE A 145 21.39 23.97 -3.00
CA ILE A 145 21.16 24.58 -4.32
C ILE A 145 22.25 25.57 -4.71
N SER A 146 22.62 26.46 -3.77
CA SER A 146 23.69 27.44 -3.96
C SER A 146 25.02 26.86 -4.46
N GLN A 147 25.27 25.60 -4.11
CA GLN A 147 26.48 24.88 -4.52
C GLN A 147 26.53 24.47 -6.00
N GLY A 148 25.36 24.44 -6.65
CA GLY A 148 25.24 24.14 -8.08
C GLY A 148 25.60 22.72 -8.48
N VAL A 149 25.42 21.77 -7.56
CA VAL A 149 25.74 20.36 -7.81
C VAL A 149 24.55 19.54 -8.34
N LEU A 150 23.35 19.80 -7.83
CA LEU A 150 22.17 19.00 -8.18
C LEU A 150 21.71 19.22 -9.61
N LYS A 151 21.22 18.13 -10.23
CA LYS A 151 20.72 18.16 -11.61
C LYS A 151 19.50 19.04 -11.77
N GLU A 152 18.68 19.10 -10.72
CA GLU A 152 17.47 19.92 -10.70
C GLU A 152 17.18 20.49 -9.31
N ASP A 153 16.49 21.63 -9.29
CA ASP A 153 16.06 22.31 -8.07
C ASP A 153 14.80 21.60 -7.49
N VAL A 154 14.90 20.29 -7.30
CA VAL A 154 13.79 19.45 -6.82
C VAL A 154 14.26 18.42 -5.78
N PHE A 155 13.33 17.99 -4.95
CA PHE A 155 13.53 16.82 -4.10
C PHE A 155 12.24 16.00 -3.99
N SER A 156 12.41 14.70 -3.83
CA SER A 156 11.28 13.76 -3.85
C SER A 156 11.27 12.87 -2.62
N PHE A 157 10.06 12.49 -2.22
CA PHE A 157 9.82 11.65 -1.05
C PHE A 157 9.12 10.35 -1.41
N TYR A 158 9.73 9.25 -0.99
CA TYR A 158 9.09 7.94 -0.98
C TYR A 158 9.00 7.47 0.44
N TYR A 159 7.78 7.15 0.87
CA TYR A 159 7.54 6.52 2.18
C TYR A 159 6.94 5.14 1.97
N ASN A 160 7.68 4.12 2.41
CA ASN A 160 7.25 2.73 2.28
C ASN A 160 6.11 2.38 3.23
N ARG A 161 5.23 1.49 2.78
CA ARG A 161 4.14 0.96 3.58
C ARG A 161 4.64 -0.05 4.61
N ASP A 162 5.67 -0.81 4.21
CA ASP A 162 6.18 -1.92 5.01
C ASP A 162 7.18 -1.45 6.07
N SER A 163 7.10 -2.05 7.25
CA SER A 163 8.07 -1.81 8.34
C SER A 163 8.36 -3.05 9.17
N SER A 166 9.81 -6.59 5.96
CA SER A 166 10.67 -6.05 7.02
C SER A 166 12.16 -6.04 6.63
N GLN A 167 12.50 -6.76 5.57
CA GLN A 167 13.83 -6.73 4.95
C GLN A 167 13.83 -5.78 3.73
N SER A 168 13.33 -4.56 3.96
CA SER A 168 13.11 -3.56 2.92
C SER A 168 13.40 -2.16 3.47
N LEU A 169 13.75 -1.23 2.57
CA LEU A 169 14.00 0.16 2.95
C LEU A 169 12.69 0.85 3.37
N GLY A 170 12.75 1.58 4.48
CA GLY A 170 11.59 2.25 5.04
C GLY A 170 11.15 3.48 4.28
N GLY A 171 12.08 4.06 3.53
CA GLY A 171 11.79 5.22 2.70
C GLY A 171 13.03 5.75 2.01
N GLN A 172 12.83 6.73 1.13
CA GLN A 172 13.91 7.36 0.38
C GLN A 172 13.58 8.80 0.04
N ILE A 173 14.57 9.68 0.17
CA ILE A 173 14.49 11.04 -0.35
C ILE A 173 15.55 11.20 -1.43
N VAL A 174 15.11 11.57 -2.63
CA VAL A 174 16.03 11.91 -3.70
C VAL A 174 16.17 13.42 -3.72
N LEU A 175 17.40 13.89 -3.48
CA LEU A 175 17.74 15.29 -3.65
C LEU A 175 18.30 15.47 -5.07
N GLY A 176 17.60 16.28 -5.87
CA GLY A 176 18.04 16.61 -7.23
C GLY A 176 17.23 15.97 -8.33
N GLY A 177 16.22 15.19 -7.96
CA GLY A 177 15.35 14.48 -8.90
C GLY A 177 14.35 13.61 -8.17
N SER A 178 13.90 12.57 -8.87
CA SER A 178 13.04 11.52 -8.29
C SER A 178 13.57 10.13 -8.67
N ASP A 179 13.02 9.09 -8.04
CA ASP A 179 13.42 7.70 -8.32
C ASP A 179 12.30 6.89 -8.99
N PRO A 180 12.45 6.60 -10.32
CA PRO A 180 11.44 5.87 -11.11
C PRO A 180 11.12 4.46 -10.59
N GLN A 181 12.03 3.89 -9.80
CA GLN A 181 11.82 2.58 -9.17
C GLN A 181 10.75 2.60 -8.07
N HIS A 182 10.41 3.80 -7.57
CA HIS A 182 9.43 3.98 -6.49
C HIS A 182 8.13 4.72 -6.88
N TYR A 183 7.95 5.00 -8.16
CA TYR A 183 6.66 5.48 -8.67
C TYR A 183 6.30 4.86 -10.03
N GLU A 184 5.08 5.14 -10.47
CA GLU A 184 4.54 4.64 -11.74
C GLU A 184 3.46 5.59 -12.24
N GLY A 185 3.18 5.52 -13.53
CA GLY A 185 2.33 6.50 -14.21
C GLY A 185 3.00 7.85 -14.29
N ASN A 186 2.24 8.83 -14.76
CA ASN A 186 2.74 10.20 -14.88
C ASN A 186 2.63 10.94 -13.56
N PHE A 187 3.53 11.90 -13.34
CA PHE A 187 3.39 12.86 -12.26
C PHE A 187 2.27 13.84 -12.58
N HIS A 188 1.39 14.05 -11.60
CA HIS A 188 0.39 15.11 -11.69
C HIS A 188 0.89 16.31 -10.89
N TYR A 189 1.07 17.43 -11.59
CA TYR A 189 1.65 18.63 -11.00
C TYR A 189 0.61 19.65 -10.58
N ILE A 190 0.67 20.05 -9.31
CA ILE A 190 -0.20 21.06 -8.74
C ILE A 190 0.65 22.25 -8.30
N ASN A 191 0.32 23.44 -8.81
CA ASN A 191 0.99 24.67 -8.42
C ASN A 191 0.63 25.07 -7.00
N LEU A 192 1.59 25.70 -6.32
CA LEU A 192 1.40 26.25 -4.98
C LEU A 192 0.59 27.53 -5.01
N ILE A 193 -0.16 27.79 -3.93
CA ILE A 193 -0.87 29.05 -3.72
C ILE A 193 0.11 30.23 -3.78
N LYS A 194 1.24 30.06 -3.10
CA LYS A 194 2.32 31.04 -3.06
C LYS A 194 3.67 30.38 -2.85
N THR A 195 4.73 31.13 -3.14
CA THR A 195 6.09 30.79 -2.68
C THR A 195 6.10 30.90 -1.16
N GLY A 196 6.98 30.13 -0.51
CA GLY A 196 7.14 30.24 0.94
C GLY A 196 6.56 29.10 1.74
N VAL A 197 5.57 28.41 1.19
CA VAL A 197 4.90 27.30 1.87
C VAL A 197 4.58 26.19 0.86
N TRP A 198 4.84 24.94 1.24
CA TRP A 198 4.48 23.78 0.42
C TRP A 198 2.99 23.47 0.57
N GLN A 199 2.18 24.36 0.02
CA GLN A 199 0.73 24.34 0.21
C GLN A 199 0.02 24.56 -1.11
N ILE A 200 -1.04 23.79 -1.33
CA ILE A 200 -1.78 23.78 -2.59
C ILE A 200 -3.27 23.96 -2.35
N GLN A 201 -4.00 24.41 -3.38
CA GLN A 201 -5.45 24.51 -3.32
C GLN A 201 -6.08 23.11 -3.31
N MET A 202 -6.92 22.86 -2.32
CA MET A 202 -7.79 21.68 -2.29
C MET A 202 -9.24 22.10 -2.55
N LYS A 203 -9.90 21.38 -3.44
CA LYS A 203 -11.26 21.73 -3.86
C LYS A 203 -12.29 20.64 -3.49
N GLY A 204 -12.15 20.09 -2.29
CA GLY A 204 -13.14 19.15 -1.74
C GLY A 204 -12.55 17.92 -1.06
N VAL A 205 -13.14 17.55 0.08
CA VAL A 205 -12.84 16.30 0.76
C VAL A 205 -14.10 15.43 0.71
N SER A 206 -13.96 14.22 0.16
CA SER A 206 -15.09 13.32 -0.02
C SER A 206 -15.02 12.06 0.82
N VAL A 207 -16.20 11.63 1.29
CA VAL A 207 -16.41 10.33 1.92
C VAL A 207 -17.45 9.58 1.07
N GLY A 208 -17.08 8.38 0.62
CA GLY A 208 -17.95 7.56 -0.24
C GLY A 208 -18.05 8.11 -1.65
N THR A 211 -18.97 14.47 -1.39
CA THR A 211 -18.37 15.66 -0.80
C THR A 211 -19.16 16.09 0.43
N LEU A 212 -18.46 16.26 1.54
CA LEU A 212 -19.04 16.75 2.78
C LEU A 212 -18.31 17.98 3.27
N LEU A 213 -16.99 17.99 3.10
CA LEU A 213 -16.13 19.07 3.57
C LEU A 213 -15.39 19.74 2.42
N CYS A 214 -14.88 20.93 2.68
CA CYS A 214 -14.02 21.70 1.76
C CYS A 214 -14.68 22.00 0.39
N GLU A 215 -16.02 22.01 0.37
CA GLU A 215 -16.82 22.24 -0.84
C GLU A 215 -16.62 23.63 -1.44
N ASP A 216 -16.39 24.63 -0.58
CA ASP A 216 -16.10 26.00 -1.00
C ASP A 216 -14.59 26.30 -1.06
N GLY A 217 -13.79 25.25 -1.12
CA GLY A 217 -12.33 25.36 -1.28
C GLY A 217 -11.59 25.64 0.02
N CYS A 218 -10.49 24.91 0.22
CA CYS A 218 -9.64 25.07 1.40
C CYS A 218 -8.18 24.77 1.07
N LEU A 219 -7.30 24.91 2.07
CA LEU A 219 -5.87 24.75 1.85
C LEU A 219 -5.37 23.38 2.29
N ALA A 220 -4.44 22.83 1.52
CA ALA A 220 -3.79 21.56 1.87
C ALA A 220 -2.27 21.69 1.89
N LEU A 221 -1.70 21.59 3.08
CA LEU A 221 -0.27 21.60 3.29
C LEU A 221 0.27 20.19 3.06
N VAL A 222 1.35 20.08 2.26
CA VAL A 222 1.99 18.78 2.05
C VAL A 222 3.19 18.68 2.98
N ASP A 223 2.98 17.94 4.07
CA ASP A 223 3.84 17.94 5.26
C ASP A 223 4.49 16.56 5.49
N THR A 224 5.68 16.37 4.92
CA THR A 224 6.43 15.12 5.04
C THR A 224 6.86 14.81 6.48
N GLY A 225 6.81 15.82 7.34
CA GLY A 225 7.24 15.70 8.72
C GLY A 225 6.13 15.31 9.66
N ALA A 226 4.94 15.06 9.11
CA ALA A 226 3.76 14.68 9.90
C ALA A 226 3.38 13.24 9.63
N SER A 227 2.86 12.58 10.66
CA SER A 227 2.49 11.17 10.58
C SER A 227 1.19 11.00 9.81
N TYR A 228 0.23 11.83 10.15
CA TYR A 228 -1.14 11.58 9.81
C TYR A 228 -1.60 12.58 8.75
N ILE A 229 -2.84 12.42 8.32
CA ILE A 229 -3.55 13.49 7.64
C ILE A 229 -4.26 14.25 8.76
N SER A 230 -4.10 15.57 8.76
CA SER A 230 -4.81 16.38 9.74
C SER A 230 -5.65 17.45 9.06
N GLY A 231 -6.77 17.77 9.70
CA GLY A 231 -7.58 18.92 9.35
C GLY A 231 -7.84 19.73 10.62
N SER A 232 -8.62 20.80 10.49
CA SER A 232 -9.09 21.56 11.65
C SER A 232 -10.08 20.73 12.46
N THR A 233 -10.24 21.08 13.73
CA THR A 233 -11.11 20.36 14.68
C THR A 233 -12.52 20.13 14.12
N SER A 234 -13.16 21.20 13.62
CA SER A 234 -14.51 21.11 13.07
C SER A 234 -14.58 20.30 11.77
N SER A 235 -13.53 20.40 10.96
CA SER A 235 -13.41 19.59 9.72
C SER A 235 -13.33 18.10 10.05
N ILE A 236 -12.47 17.77 11.02
CA ILE A 236 -12.26 16.39 11.46
C ILE A 236 -13.50 15.81 12.17
N GLU A 237 -14.13 16.61 13.03
CA GLU A 237 -15.32 16.17 13.75
C GLU A 237 -16.43 15.69 12.81
N LYS A 238 -16.63 16.42 11.71
CA LYS A 238 -17.67 16.08 10.72
C LYS A 238 -17.25 14.87 9.88
N LEU A 239 -15.95 14.78 9.58
CA LEU A 239 -15.38 13.62 8.88
C LEU A 239 -15.57 12.33 9.69
N MET A 240 -15.29 12.42 10.99
CA MET A 240 -15.38 11.29 11.91
C MET A 240 -16.80 10.89 12.27
N GLU A 241 -17.70 11.86 12.32
CA GLU A 241 -19.13 11.60 12.51
C GLU A 241 -19.66 10.81 11.32
N ALA A 242 -19.14 11.13 10.12
CA ALA A 242 -19.47 10.44 8.89
C ALA A 242 -18.87 9.05 8.80
N LEU A 243 -17.74 8.84 9.49
CA LEU A 243 -17.07 7.53 9.52
C LEU A 243 -17.60 6.62 10.64
N GLY A 244 -18.25 7.21 11.64
CA GLY A 244 -18.72 6.48 12.82
C GLY A 244 -17.60 6.22 13.81
N ALA A 245 -16.56 7.06 13.76
CA ALA A 245 -15.40 6.95 14.64
C ALA A 245 -15.64 7.69 15.95
N LYS A 246 -15.13 7.13 17.04
CA LYS A 246 -15.21 7.73 18.36
C LYS A 246 -13.94 8.53 18.67
N LYS A 247 -14.12 9.72 19.23
CA LYS A 247 -13.01 10.59 19.61
C LYS A 247 -12.39 10.11 20.90
N ARG A 248 -11.06 9.97 20.89
CA ARG A 248 -10.33 9.70 22.12
C ARG A 248 -9.47 10.92 22.46
N LEU A 249 -8.40 10.71 23.22
CA LEU A 249 -7.58 11.79 23.73
C LEU A 249 -6.66 12.39 22.65
N PHE A 250 -5.97 11.52 21.91
CA PHE A 250 -4.98 11.95 20.92
C PHE A 250 -5.25 11.44 19.51
N ASP A 251 -6.25 10.57 19.40
CA ASP A 251 -6.58 9.91 18.14
C ASP A 251 -8.07 9.66 18.01
N TYR A 252 -8.47 9.27 16.80
CA TYR A 252 -9.80 8.74 16.56
C TYR A 252 -9.69 7.24 16.33
N VAL A 253 -10.70 6.50 16.78
CA VAL A 253 -10.69 5.03 16.70
C VAL A 253 -12.01 4.48 16.21
N VAL A 254 -11.95 3.29 15.61
CA VAL A 254 -13.13 2.48 15.32
C VAL A 254 -12.93 1.10 15.93
N LYS A 255 -14.03 0.35 16.09
CA LYS A 255 -13.94 -1.06 16.45
C LYS A 255 -13.31 -1.78 15.26
N CYS A 256 -12.20 -2.48 15.52
CA CYS A 256 -11.35 -3.12 14.49
C CYS A 256 -12.03 -3.94 13.38
N ASN A 257 -13.20 -4.50 13.68
CA ASN A 257 -14.02 -5.20 12.68
C ASN A 257 -14.66 -4.26 11.65
N GLU A 258 -15.06 -3.06 12.12
CA GLU A 258 -15.69 -2.03 11.28
C GLU A 258 -14.67 -1.41 10.32
N GLY A 259 -13.39 -1.54 10.69
CA GLY A 259 -12.26 -1.01 9.92
C GLY A 259 -12.30 -1.23 8.41
N PRO A 260 -12.27 -2.50 7.95
CA PRO A 260 -12.32 -2.81 6.51
C PRO A 260 -13.56 -2.25 5.78
N THR A 261 -14.66 -2.09 6.51
CA THR A 261 -15.94 -1.63 5.96
C THR A 261 -16.05 -0.09 5.84
N LEU A 262 -15.03 0.62 6.33
CA LEU A 262 -14.99 2.08 6.29
C LEU A 262 -14.87 2.61 4.85
N PRO A 263 -15.63 3.68 4.52
CA PRO A 263 -15.63 4.22 3.15
C PRO A 263 -14.30 4.85 2.72
N ASP A 264 -14.14 5.02 1.40
CA ASP A 264 -12.98 5.70 0.83
C ASP A 264 -13.04 7.21 1.12
N ILE A 265 -11.86 7.80 1.33
CA ILE A 265 -11.73 9.23 1.53
C ILE A 265 -10.94 9.84 0.36
N SER A 266 -11.54 10.84 -0.27
CA SER A 266 -10.98 11.47 -1.46
C SER A 266 -10.59 12.93 -1.21
N PHE A 267 -9.47 13.33 -1.79
CA PHE A 267 -9.00 14.70 -1.69
C PHE A 267 -8.91 15.25 -3.12
N HIS A 268 -9.75 16.23 -3.42
CA HIS A 268 -9.79 16.85 -4.74
C HIS A 268 -8.65 17.87 -4.86
N LEU A 269 -7.56 17.43 -5.49
CA LEU A 269 -6.35 18.23 -5.60
C LEU A 269 -5.95 18.42 -7.06
N GLY A 270 -5.85 19.69 -7.47
CA GLY A 270 -5.45 20.06 -8.83
C GLY A 270 -6.29 19.48 -9.95
N GLY A 271 -7.58 19.28 -9.67
CA GLY A 271 -8.53 18.74 -10.65
C GLY A 271 -8.69 17.22 -10.64
N LYS A 272 -7.77 16.52 -10.00
CA LYS A 272 -7.83 15.06 -9.86
C LYS A 272 -8.26 14.64 -8.46
N GLU A 273 -8.83 13.45 -8.35
CA GLU A 273 -9.37 12.94 -7.08
C GLU A 273 -8.41 11.92 -6.46
N TYR A 274 -7.73 12.33 -5.38
CA TYR A 274 -6.77 11.48 -4.65
C TYR A 274 -7.44 10.67 -3.54
N THR A 275 -7.55 9.37 -3.78
CA THR A 275 -8.43 8.49 -2.99
C THR A 275 -7.62 7.57 -2.09
N LEU A 276 -7.98 7.55 -0.81
CA LEU A 276 -7.44 6.61 0.15
C LEU A 276 -8.55 5.66 0.58
N THR A 277 -8.28 4.36 0.49
CA THR A 277 -9.17 3.32 0.99
C THR A 277 -8.93 3.14 2.49
N SER A 278 -9.82 2.43 3.18
CA SER A 278 -9.64 2.16 4.61
C SER A 278 -8.30 1.49 4.93
N ALA A 279 -7.83 0.62 4.04
CA ALA A 279 -6.49 0.01 4.13
C ALA A 279 -5.35 1.03 4.21
N ASP A 280 -5.55 2.22 3.62
CA ASP A 280 -4.57 3.30 3.63
C ASP A 280 -4.62 4.17 4.88
N TYR A 281 -5.75 4.22 5.56
CA TYR A 281 -5.88 5.10 6.73
C TYR A 281 -6.22 4.44 8.08
N VAL A 282 -6.51 3.15 8.07
CA VAL A 282 -6.77 2.40 9.31
C VAL A 282 -5.56 1.53 9.66
N PHE A 283 -5.12 1.62 10.92
CA PHE A 283 -4.16 0.67 11.47
C PHE A 283 -4.88 -0.62 11.84
N GLN A 284 -5.02 -1.54 10.88
CA GLN A 284 -5.65 -2.85 11.10
C GLN A 284 -4.77 -3.79 11.92
N GLU A 285 -4.65 -3.49 13.22
CA GLU A 285 -3.83 -4.30 14.13
C GLU A 285 -4.56 -5.58 14.57
N SER A 286 -5.86 -5.64 14.26
CA SER A 286 -6.77 -6.73 14.66
C SER A 286 -8.07 -6.69 13.82
N TYR A 287 -8.89 -7.74 13.94
CA TYR A 287 -10.24 -7.77 13.35
C TYR A 287 -11.34 -7.98 14.42
N SER A 288 -10.91 -8.00 15.68
CA SER A 288 -11.78 -8.21 16.85
C SER A 288 -12.76 -7.05 17.08
N SER A 289 -13.99 -7.40 17.45
CA SER A 289 -14.99 -6.42 17.88
C SER A 289 -14.73 -5.91 19.30
N LYS A 290 -13.90 -6.65 20.05
CA LYS A 290 -13.49 -6.27 21.42
C LYS A 290 -12.30 -5.29 21.44
N LYS A 291 -11.76 -4.97 20.26
CA LYS A 291 -10.54 -4.16 20.12
C LYS A 291 -10.78 -2.89 19.32
N LEU A 292 -10.05 -1.82 19.67
CA LEU A 292 -10.14 -0.54 18.96
C LEU A 292 -8.92 -0.29 18.07
N CYS A 293 -9.19 0.26 16.89
CA CYS A 293 -8.18 0.48 15.87
C CYS A 293 -8.08 1.97 15.54
N THR A 294 -6.86 2.48 15.58
CA THR A 294 -6.56 3.90 15.37
C THR A 294 -6.65 4.27 13.91
N LEU A 295 -7.23 5.43 13.62
CA LEU A 295 -7.20 6.00 12.27
C LEU A 295 -5.99 6.92 12.11
N ALA A 296 -5.44 6.96 10.90
CA ALA A 296 -4.27 7.78 10.59
C ALA A 296 -4.68 9.20 10.14
N ILE A 297 -5.75 9.69 10.77
CA ILE A 297 -6.33 11.01 10.53
C ILE A 297 -6.67 11.60 11.90
N HIS A 298 -6.15 12.78 12.19
CA HIS A 298 -6.45 13.48 13.44
C HIS A 298 -6.69 14.97 13.21
N ALA A 299 -7.01 15.71 14.28
CA ALA A 299 -7.16 17.15 14.22
C ALA A 299 -5.85 17.86 14.50
N MET A 300 -5.58 18.92 13.75
CA MET A 300 -4.50 19.87 14.05
C MET A 300 -4.95 21.26 13.67
N ASP A 301 -5.04 22.13 14.67
CA ASP A 301 -5.40 23.52 14.45
C ASP A 301 -4.15 24.34 14.19
N ILE A 302 -4.04 24.82 12.95
CA ILE A 302 -2.91 25.60 12.51
C ILE A 302 -3.38 27.05 12.36
N PRO A 303 -2.72 27.99 13.08
CA PRO A 303 -3.12 29.40 13.04
C PRO A 303 -2.69 30.10 11.75
N PRO A 304 -3.32 31.27 11.43
CA PRO A 304 -2.84 32.15 10.36
C PRO A 304 -1.34 32.56 10.53
N PRO A 305 -0.61 32.80 9.42
CA PRO A 305 -1.14 32.79 8.04
C PRO A 305 -1.21 31.40 7.36
N THR A 306 -0.46 30.42 7.88
CA THR A 306 -0.41 29.06 7.29
C THR A 306 -1.80 28.39 7.28
N GLY A 307 -2.51 28.46 8.41
CA GLY A 307 -3.83 27.86 8.55
C GLY A 307 -4.99 28.84 8.68
N PRO A 308 -6.23 28.36 8.89
CA PRO A 308 -6.55 26.92 8.95
C PRO A 308 -6.23 26.18 7.66
N THR A 309 -5.73 24.96 7.79
CA THR A 309 -5.30 24.14 6.66
C THR A 309 -5.32 22.64 6.99
N TRP A 310 -5.59 21.83 5.97
CA TRP A 310 -5.34 20.41 6.04
C TRP A 310 -3.85 20.15 5.86
N ALA A 311 -3.37 19.05 6.44
CA ALA A 311 -2.00 18.63 6.24
C ALA A 311 -1.98 17.19 5.73
N LEU A 312 -1.24 16.98 4.65
CA LEU A 312 -1.09 15.67 4.04
C LEU A 312 0.26 15.10 4.46
N GLY A 313 0.23 14.23 5.47
CA GLY A 313 1.42 13.64 6.05
C GLY A 313 1.73 12.26 5.48
N ALA A 314 2.41 11.45 6.28
CA ALA A 314 2.86 10.11 5.85
C ALA A 314 1.74 9.22 5.31
N THR A 315 0.55 9.29 5.90
CA THR A 315 -0.65 8.59 5.40
C THR A 315 -0.87 8.83 3.89
N PHE A 316 -0.74 10.09 3.47
CA PHE A 316 -0.90 10.48 2.06
C PHE A 316 0.32 10.14 1.20
N ILE A 317 1.52 10.43 1.71
CA ILE A 317 2.77 10.21 0.96
C ILE A 317 3.05 8.72 0.72
N ARG A 318 2.64 7.87 1.66
CA ARG A 318 2.72 6.41 1.48
C ARG A 318 2.13 5.91 0.17
N LYS A 319 0.94 6.42 -0.17
CA LYS A 319 0.28 6.07 -1.43
C LYS A 319 0.80 6.88 -2.61
N PHE A 320 1.19 8.13 -2.36
CA PHE A 320 1.59 9.04 -3.43
C PHE A 320 3.01 9.53 -3.26
N TYR A 321 3.88 9.02 -4.12
CA TYR A 321 5.24 9.50 -4.27
C TYR A 321 5.15 11.00 -4.60
N THR A 322 5.90 11.80 -3.84
CA THR A 322 5.76 13.25 -3.90
C THR A 322 7.05 13.95 -4.31
N GLU A 323 6.98 14.69 -5.42
CA GLU A 323 8.09 15.50 -5.90
C GLU A 323 7.83 16.96 -5.51
N PHE A 324 8.82 17.56 -4.87
CA PHE A 324 8.77 18.97 -4.50
C PHE A 324 9.67 19.76 -5.44
N ASP A 325 9.04 20.65 -6.22
CA ASP A 325 9.69 21.36 -7.31
C ASP A 325 9.87 22.85 -6.97
N ARG A 326 11.02 23.15 -6.37
CA ARG A 326 11.39 24.52 -5.98
C ARG A 326 11.56 25.48 -7.16
N ARG A 327 11.98 24.96 -8.31
CA ARG A 327 12.19 25.75 -9.53
C ARG A 327 10.89 26.31 -10.13
N ASN A 328 9.83 25.48 -10.09
CA ASN A 328 8.55 25.84 -10.71
C ASN A 328 7.44 26.13 -9.70
N ASN A 329 7.78 26.11 -8.40
CA ASN A 329 6.82 26.31 -7.29
C ASN A 329 5.57 25.43 -7.38
N ARG A 330 5.81 24.12 -7.39
CA ARG A 330 4.74 23.14 -7.60
C ARG A 330 5.07 21.80 -6.94
N ILE A 331 4.04 20.98 -6.75
CA ILE A 331 4.20 19.64 -6.19
C ILE A 331 3.70 18.62 -7.20
N GLY A 332 4.52 17.60 -7.45
CA GLY A 332 4.12 16.47 -8.28
C GLY A 332 3.72 15.27 -7.47
N PHE A 333 2.59 14.67 -7.82
CA PHE A 333 2.17 13.40 -7.23
C PHE A 333 2.12 12.28 -8.26
N ALA A 334 2.65 11.13 -7.89
CA ALA A 334 2.54 9.91 -8.67
C ALA A 334 2.29 8.74 -7.71
N LEU A 335 1.63 7.69 -8.21
CA LEU A 335 1.40 6.46 -7.44
C LEU A 335 2.72 5.83 -7.00
N ALA A 336 2.90 5.72 -5.68
CA ALA A 336 4.06 5.05 -5.11
C ALA A 336 4.00 3.54 -5.38
N ARG A 337 5.17 2.92 -5.51
CA ARG A 337 5.30 1.45 -5.69
C ARG A 337 6.62 0.86 -5.17
N GLY B 1 8.78 -0.52 -25.60
CA GLY B 1 7.96 -1.49 -24.82
C GLY B 1 8.71 -2.09 -23.64
N ASN B 2 8.98 -1.26 -22.62
CA ASN B 2 9.65 -1.71 -21.41
C ASN B 2 9.13 -1.08 -20.09
N THR B 3 7.81 -1.04 -19.94
CA THR B 3 7.22 -0.63 -18.67
C THR B 3 6.67 -1.83 -17.91
N THR B 4 6.75 -1.74 -16.58
CA THR B 4 5.99 -2.63 -15.69
C THR B 4 5.00 -1.79 -14.90
N SER B 5 3.96 -2.44 -14.37
CA SER B 5 2.97 -1.81 -13.53
C SER B 5 2.69 -2.68 -12.33
N SER B 6 2.64 -2.07 -11.16
CA SER B 6 2.30 -2.82 -9.95
C SER B 6 1.05 -2.27 -9.28
N VAL B 7 0.27 -3.16 -8.70
CA VAL B 7 -0.88 -2.79 -7.88
C VAL B 7 -0.62 -3.38 -6.50
N ILE B 8 -0.66 -2.51 -5.50
CA ILE B 8 -0.56 -2.91 -4.10
C ILE B 8 -1.87 -3.60 -3.70
N LEU B 9 -1.75 -4.70 -2.97
CA LEU B 9 -2.91 -5.49 -2.59
C LEU B 9 -3.13 -5.45 -1.09
N THR B 10 -4.40 -5.42 -0.72
CA THR B 10 -4.83 -5.53 0.65
C THR B 10 -5.10 -6.99 0.94
N ASN B 11 -4.63 -7.45 2.09
CA ASN B 11 -4.89 -8.77 2.59
C ASN B 11 -5.92 -8.68 3.70
N TYR B 12 -7.08 -9.28 3.47
CA TYR B 12 -8.12 -9.38 4.50
C TYR B 12 -8.23 -10.82 5.00
N MET B 13 -7.78 -11.03 6.24
CA MET B 13 -7.90 -12.31 6.99
C MET B 13 -7.25 -13.53 6.32
N ASP B 14 -6.28 -13.29 5.43
CA ASP B 14 -5.68 -14.34 4.57
C ASP B 14 -6.64 -15.04 3.60
N THR B 15 -7.87 -14.52 3.48
CA THR B 15 -8.89 -15.14 2.64
C THR B 15 -9.30 -14.29 1.44
N GLN B 16 -9.05 -12.98 1.52
CA GLN B 16 -9.39 -12.05 0.45
C GLN B 16 -8.20 -11.17 0.09
N TYR B 17 -7.89 -11.12 -1.21
CA TYR B 17 -6.79 -10.31 -1.74
C TYR B 17 -7.31 -9.45 -2.87
N TYR B 18 -7.16 -8.14 -2.70
CA TYR B 18 -7.72 -7.17 -3.65
C TYR B 18 -6.87 -5.91 -3.71
N GLY B 19 -6.87 -5.28 -4.88
CA GLY B 19 -6.16 -4.02 -5.09
C GLY B 19 -7.06 -3.00 -5.78
N GLU B 20 -6.46 -1.89 -6.19
CA GLU B 20 -7.23 -0.80 -6.79
C GLU B 20 -7.09 -0.69 -8.30
N ILE B 21 -8.23 -0.47 -8.95
CA ILE B 21 -8.29 -0.04 -10.34
C ILE B 21 -9.12 1.23 -10.42
N GLY B 22 -8.78 2.08 -11.40
CA GLY B 22 -9.61 3.23 -11.76
C GLY B 22 -10.42 2.93 -13.01
N ILE B 23 -11.66 3.40 -13.04
CA ILE B 23 -12.49 3.33 -14.27
C ILE B 23 -13.06 4.71 -14.57
N GLY B 24 -12.82 5.19 -15.79
CA GLY B 24 -13.36 6.45 -16.26
C GLY B 24 -12.39 7.61 -16.36
N THR B 25 -12.92 8.76 -16.78
CA THR B 25 -12.20 10.03 -16.80
C THR B 25 -13.12 11.11 -16.21
N PRO B 26 -12.84 11.58 -14.98
CA PRO B 26 -11.72 11.12 -14.14
C PRO B 26 -11.96 9.71 -13.56
N PRO B 27 -10.88 9.01 -13.13
CA PRO B 27 -11.01 7.63 -12.62
C PRO B 27 -11.86 7.49 -11.35
N GLN B 28 -12.76 6.50 -11.36
CA GLN B 28 -13.47 6.06 -10.17
C GLN B 28 -12.78 4.81 -9.64
N THR B 29 -12.46 4.81 -8.34
CA THR B 29 -11.61 3.80 -7.71
C THR B 29 -12.41 2.63 -7.15
N PHE B 30 -11.99 1.41 -7.49
CA PHE B 30 -12.65 0.18 -7.04
C PHE B 30 -11.65 -0.82 -6.48
N LYS B 31 -12.06 -1.51 -5.42
CA LYS B 31 -11.30 -2.64 -4.89
C LYS B 31 -11.67 -3.90 -5.68
N VAL B 32 -10.66 -4.56 -6.26
CA VAL B 32 -10.90 -5.71 -7.14
C VAL B 32 -10.00 -6.92 -6.86
N VAL B 33 -10.58 -8.10 -6.98
CA VAL B 33 -9.82 -9.35 -6.95
C VAL B 33 -9.28 -9.61 -8.34
N PHE B 34 -7.96 -9.74 -8.43
CA PHE B 34 -7.30 -10.09 -9.67
C PHE B 34 -7.29 -11.61 -9.78
N ASP B 35 -8.10 -12.13 -10.71
CA ASP B 35 -8.47 -13.54 -10.70
C ASP B 35 -8.10 -14.32 -11.95
N THR B 36 -7.07 -15.15 -11.82
CA THR B 36 -6.61 -16.02 -12.91
C THR B 36 -7.59 -17.14 -13.23
N GLY B 37 -8.52 -17.40 -12.33
CA GLY B 37 -9.56 -18.41 -12.53
C GLY B 37 -10.73 -18.00 -13.42
N SER B 38 -10.86 -16.69 -13.67
CA SER B 38 -11.89 -16.17 -14.59
C SER B 38 -11.30 -15.13 -15.55
N SER B 39 -12.14 -14.60 -16.45
CA SER B 39 -11.65 -13.78 -17.57
C SER B 39 -12.42 -12.49 -17.83
N ASN B 40 -13.50 -12.27 -17.06
CA ASN B 40 -14.30 -11.06 -17.19
C ASN B 40 -13.91 -10.02 -16.15
N VAL B 41 -14.10 -8.76 -16.51
CA VAL B 41 -13.94 -7.63 -15.60
C VAL B 41 -15.34 -7.14 -15.25
N TRP B 42 -15.61 -6.97 -13.97
CA TRP B 42 -16.87 -6.36 -13.52
C TRP B 42 -16.73 -5.54 -12.25
N VAL B 43 -17.56 -4.51 -12.16
CA VAL B 43 -17.76 -3.71 -10.95
C VAL B 43 -19.27 -3.54 -10.73
N PRO B 44 -19.72 -3.33 -9.47
CA PRO B 44 -21.14 -3.02 -9.24
C PRO B 44 -21.54 -1.66 -9.86
N SER B 45 -22.80 -1.55 -10.26
CA SER B 45 -23.32 -0.38 -10.96
C SER B 45 -24.09 0.58 -10.06
N SER B 46 -24.18 1.84 -10.49
CA SER B 46 -25.07 2.84 -9.88
C SER B 46 -26.53 2.52 -10.20
N LYS B 47 -26.73 1.74 -11.27
CA LYS B 47 -28.04 1.23 -11.67
C LYS B 47 -28.46 -0.02 -10.87
N CYS B 48 -27.59 -0.49 -9.96
CA CYS B 48 -27.91 -1.60 -9.06
C CYS B 48 -28.90 -1.16 -7.98
N SER B 49 -29.89 -2.01 -7.74
CA SER B 49 -30.95 -1.78 -6.76
C SER B 49 -30.42 -1.64 -5.34
N ARG B 50 -31.04 -0.74 -4.57
CA ARG B 50 -30.71 -0.52 -3.17
C ARG B 50 -31.09 -1.73 -2.29
N LEU B 51 -32.13 -2.46 -2.73
CA LEU B 51 -32.63 -3.66 -2.04
C LEU B 51 -31.60 -4.81 -1.96
N TYR B 52 -30.60 -4.78 -2.85
CA TYR B 52 -29.40 -5.63 -2.72
C TYR B 52 -28.46 -5.03 -1.70
N THR B 53 -28.32 -5.71 -0.56
CA THR B 53 -27.53 -5.23 0.58
C THR B 53 -26.05 -4.99 0.21
N ALA B 54 -25.54 -5.82 -0.70
CA ALA B 54 -24.18 -5.69 -1.24
C ALA B 54 -23.98 -4.37 -1.99
N CYS B 55 -25.01 -3.90 -2.68
CA CYS B 55 -24.94 -2.67 -3.47
C CYS B 55 -24.96 -1.37 -2.66
N VAL B 56 -25.40 -1.46 -1.40
CA VAL B 56 -25.30 -0.34 -0.45
C VAL B 56 -23.87 -0.23 0.09
N TYR B 57 -23.29 -1.36 0.51
CA TYR B 57 -21.98 -1.39 1.16
C TYR B 57 -20.78 -1.62 0.23
N HIS B 58 -20.93 -1.18 -1.03
CA HIS B 58 -19.86 -1.24 -2.04
C HIS B 58 -19.84 0.01 -2.92
N LYS B 59 -18.66 0.35 -3.42
CA LYS B 59 -18.50 1.48 -4.33
C LYS B 59 -19.08 1.14 -5.70
N LEU B 60 -19.91 2.03 -6.22
CA LEU B 60 -20.64 1.80 -7.46
C LEU B 60 -20.13 2.66 -8.61
N PHE B 61 -20.17 2.10 -9.81
CA PHE B 61 -19.79 2.83 -11.02
C PHE B 61 -21.00 3.58 -11.56
N ASP B 62 -20.84 4.90 -11.68
CA ASP B 62 -21.82 5.74 -12.34
C ASP B 62 -21.33 6.06 -13.76
N ALA B 63 -22.07 5.57 -14.75
CA ALA B 63 -21.70 5.72 -16.17
C ALA B 63 -21.75 7.16 -16.67
N SER B 64 -22.70 7.93 -16.14
CA SER B 64 -22.90 9.34 -16.55
C SER B 64 -21.85 10.31 -15.97
N ASP B 65 -20.91 9.79 -15.17
CA ASP B 65 -19.88 10.59 -14.50
C ASP B 65 -18.52 10.56 -15.21
N SER B 66 -18.44 9.67 -16.27
CA SER B 66 -17.21 9.50 -17.05
C SER B 66 -17.33 10.05 -18.46
N SER B 67 -16.38 10.89 -18.84
CA SER B 67 -16.33 11.52 -20.17
C SER B 67 -15.63 10.65 -21.24
N SER B 68 -15.24 9.43 -20.84
CA SER B 68 -14.64 8.45 -21.75
C SER B 68 -15.48 7.16 -21.86
N TYR B 69 -16.63 7.15 -21.21
CA TYR B 69 -17.59 6.04 -21.25
C TYR B 69 -18.28 5.91 -22.62
N LYS B 70 -18.31 4.70 -23.14
CA LYS B 70 -19.11 4.34 -24.30
C LYS B 70 -20.07 3.21 -23.93
N HIS B 71 -21.36 3.43 -24.19
CA HIS B 71 -22.42 2.46 -23.89
C HIS B 71 -22.35 1.26 -24.82
N ASN B 72 -22.63 0.08 -24.26
CA ASN B 72 -22.90 -1.13 -25.04
C ASN B 72 -24.25 -1.71 -24.63
N GLY B 73 -24.37 -2.08 -23.36
CA GLY B 73 -25.65 -2.47 -22.75
C GLY B 73 -26.06 -3.92 -22.88
N THR B 74 -25.22 -4.75 -23.49
CA THR B 74 -25.51 -6.18 -23.67
C THR B 74 -25.42 -6.94 -22.33
N GLU B 75 -26.51 -7.65 -22.01
CA GLU B 75 -26.67 -8.31 -20.71
C GLU B 75 -25.95 -9.66 -20.61
N LEU B 76 -25.15 -9.82 -19.56
CA LEU B 76 -24.39 -11.05 -19.30
C LEU B 76 -24.50 -11.52 -17.85
N THR B 77 -24.41 -12.85 -17.68
CA THR B 77 -24.41 -13.50 -16.36
C THR B 77 -23.10 -14.26 -16.17
N LEU B 78 -22.44 -13.99 -15.05
CA LEU B 78 -21.22 -14.67 -14.65
C LEU B 78 -21.52 -15.64 -13.50
N ARG B 79 -21.41 -16.93 -13.77
CA ARG B 79 -21.64 -17.96 -12.75
C ARG B 79 -20.31 -18.54 -12.25
N TYR B 80 -19.81 -17.98 -11.15
CA TYR B 80 -18.62 -18.51 -10.48
C TYR B 80 -19.02 -19.76 -9.69
N SER B 81 -18.02 -20.51 -9.24
CA SER B 81 -18.25 -21.74 -8.47
C SER B 81 -19.12 -21.54 -7.22
N THR B 82 -18.97 -20.39 -6.55
CA THR B 82 -19.81 -20.03 -5.40
C THR B 82 -20.71 -18.84 -5.72
N GLY B 83 -20.11 -17.71 -6.09
CA GLY B 83 -20.86 -16.49 -6.40
C GLY B 83 -21.57 -16.57 -7.73
N THR B 84 -22.62 -15.78 -7.88
CA THR B 84 -23.25 -15.58 -9.18
C THR B 84 -23.63 -14.11 -9.35
N VAL B 85 -23.29 -13.55 -10.52
CA VAL B 85 -23.39 -12.12 -10.76
C VAL B 85 -23.96 -11.81 -12.17
N SER B 86 -24.89 -10.85 -12.22
CA SER B 86 -25.52 -10.43 -13.47
C SER B 86 -25.42 -8.92 -13.67
N GLY B 87 -25.42 -8.48 -14.94
CA GLY B 87 -25.40 -7.06 -15.27
C GLY B 87 -25.35 -6.82 -16.77
N PHE B 88 -24.81 -5.68 -17.16
CA PHE B 88 -24.70 -5.29 -18.57
C PHE B 88 -23.27 -4.83 -18.89
N LEU B 89 -22.87 -5.06 -20.15
CA LEU B 89 -21.54 -4.68 -20.62
C LEU B 89 -21.43 -3.20 -20.96
N SER B 90 -20.33 -2.60 -20.51
CA SER B 90 -19.99 -1.20 -20.76
C SER B 90 -18.53 -1.09 -21.18
N GLN B 91 -18.15 0.06 -21.72
CA GLN B 91 -16.77 0.31 -22.14
C GLN B 91 -16.24 1.63 -21.58
N ASP B 92 -15.05 1.58 -21.00
CA ASP B 92 -14.36 2.76 -20.47
C ASP B 92 -12.85 2.54 -20.37
N ILE B 93 -12.13 3.60 -19.99
CA ILE B 93 -10.70 3.53 -19.76
C ILE B 93 -10.45 3.04 -18.33
N ILE B 94 -9.68 1.96 -18.22
CA ILE B 94 -9.34 1.36 -16.94
C ILE B 94 -7.88 1.60 -16.58
N THR B 95 -7.66 2.20 -15.40
CA THR B 95 -6.33 2.47 -14.84
C THR B 95 -5.90 1.32 -13.92
N VAL B 96 -4.89 0.56 -14.34
CA VAL B 96 -4.26 -0.49 -13.54
C VAL B 96 -2.82 -0.07 -13.30
N GLY B 97 -2.54 0.46 -12.11
CA GLY B 97 -1.25 1.05 -11.78
C GLY B 97 -0.96 2.22 -12.69
N GLY B 98 0.12 2.12 -13.47
CA GLY B 98 0.51 3.16 -14.43
C GLY B 98 0.07 2.89 -15.86
N ILE B 99 -0.82 1.92 -16.04
CA ILE B 99 -1.30 1.53 -17.36
C ILE B 99 -2.79 1.83 -17.50
N THR B 100 -3.13 2.57 -18.55
CA THR B 100 -4.53 2.80 -18.93
C THR B 100 -4.86 1.96 -20.15
N VAL B 101 -6.06 1.37 -20.15
CA VAL B 101 -6.51 0.53 -21.25
C VAL B 101 -8.00 0.70 -21.49
N THR B 102 -8.40 0.78 -22.76
CA THR B 102 -9.81 0.72 -23.15
C THR B 102 -10.27 -0.73 -22.99
N GLN B 103 -11.31 -0.92 -22.17
CA GLN B 103 -11.74 -2.25 -21.76
C GLN B 103 -13.26 -2.32 -21.66
N MET B 104 -13.81 -3.40 -22.22
CA MET B 104 -15.21 -3.76 -21.99
C MET B 104 -15.31 -4.51 -20.66
N PHE B 105 -16.25 -4.07 -19.83
CA PHE B 105 -16.46 -4.63 -18.50
C PHE B 105 -17.94 -4.69 -18.16
N GLY B 106 -18.30 -5.49 -17.16
CA GLY B 106 -19.68 -5.59 -16.69
C GLY B 106 -20.02 -4.56 -15.62
N GLU B 107 -21.20 -3.94 -15.77
CA GLU B 107 -21.81 -3.10 -14.73
C GLU B 107 -22.84 -3.98 -14.05
N VAL B 108 -22.57 -4.34 -12.80
CA VAL B 108 -23.37 -5.33 -12.08
C VAL B 108 -24.59 -4.70 -11.42
N THR B 109 -25.76 -5.23 -11.78
CA THR B 109 -27.06 -4.79 -11.24
C THR B 109 -27.67 -5.85 -10.31
N GLU B 110 -27.26 -7.10 -10.49
CA GLU B 110 -27.71 -8.23 -9.67
C GLU B 110 -26.52 -8.77 -8.88
N MET B 111 -26.48 -8.42 -7.59
CA MET B 111 -25.36 -8.74 -6.69
C MET B 111 -25.86 -9.27 -5.35
N PRO B 112 -26.08 -10.60 -5.24
CA PRO B 112 -26.74 -11.20 -4.07
C PRO B 112 -25.91 -11.15 -2.79
N ALA B 113 -26.60 -11.13 -1.65
CA ALA B 113 -25.98 -11.04 -0.31
C ALA B 113 -24.98 -12.16 -0.05
N LEU B 114 -25.31 -13.38 -0.47
CA LEU B 114 -24.35 -14.48 -0.42
C LEU B 114 -23.73 -14.67 -1.81
N PRO B 115 -22.40 -14.54 -1.92
CA PRO B 115 -21.50 -14.26 -0.79
C PRO B 115 -20.96 -12.81 -0.76
N PHE B 116 -21.54 -11.93 -1.57
CA PHE B 116 -20.95 -10.62 -1.83
C PHE B 116 -21.12 -9.58 -0.72
N MET B 117 -21.99 -9.83 0.25
CA MET B 117 -22.04 -9.01 1.46
C MET B 117 -20.84 -9.26 2.38
N LEU B 118 -20.20 -10.42 2.19
CA LEU B 118 -18.96 -10.79 2.86
C LEU B 118 -17.72 -10.29 2.11
N ALA B 119 -17.92 -9.83 0.88
CA ALA B 119 -16.84 -9.37 0.01
C ALA B 119 -16.32 -8.00 0.42
N GLU B 120 -15.04 -7.95 0.80
CA GLU B 120 -14.36 -6.68 1.06
C GLU B 120 -13.97 -5.97 -0.24
N PHE B 121 -13.87 -6.76 -1.29
CA PHE B 121 -13.68 -6.27 -2.65
C PHE B 121 -15.00 -5.85 -3.28
N ASP B 122 -14.93 -4.91 -4.23
CA ASP B 122 -16.11 -4.44 -4.98
C ASP B 122 -16.39 -5.36 -6.17
N GLY B 123 -15.36 -5.65 -6.98
CA GLY B 123 -15.50 -6.48 -8.17
C GLY B 123 -14.33 -7.42 -8.50
N VAL B 124 -14.31 -7.92 -9.73
CA VAL B 124 -13.28 -8.85 -10.20
C VAL B 124 -12.65 -8.35 -11.50
N VAL B 125 -11.33 -8.45 -11.56
CA VAL B 125 -10.57 -8.30 -12.80
C VAL B 125 -10.06 -9.71 -13.16
N GLY B 126 -10.65 -10.28 -14.21
CA GLY B 126 -10.31 -11.63 -14.65
C GLY B 126 -9.00 -11.65 -15.40
N MET B 127 -8.09 -12.52 -14.96
CA MET B 127 -6.74 -12.61 -15.52
C MET B 127 -6.55 -13.84 -16.42
N GLY B 128 -7.66 -14.54 -16.67
CA GLY B 128 -7.66 -15.72 -17.52
C GLY B 128 -7.73 -15.41 -19.00
N PHE B 129 -7.88 -16.47 -19.79
CA PHE B 129 -7.84 -16.40 -21.25
C PHE B 129 -9.21 -16.04 -21.82
N ILE B 130 -9.21 -15.53 -23.06
CA ILE B 130 -10.45 -15.21 -23.81
C ILE B 130 -11.43 -16.39 -23.85
N GLU B 131 -10.90 -17.61 -24.01
CA GLU B 131 -11.71 -18.85 -24.08
C GLU B 131 -12.66 -19.07 -22.91
N GLN B 132 -12.34 -18.50 -21.74
CA GLN B 132 -13.17 -18.58 -20.54
C GLN B 132 -14.10 -17.38 -20.35
N ALA B 133 -13.96 -16.37 -21.19
CA ALA B 133 -14.71 -15.11 -21.02
C ALA B 133 -16.15 -15.24 -21.49
N ILE B 134 -17.08 -15.03 -20.54
CA ILE B 134 -18.51 -15.00 -20.86
C ILE B 134 -18.76 -13.81 -21.81
N GLY B 135 -19.45 -14.11 -22.92
CA GLY B 135 -19.70 -13.13 -23.99
C GLY B 135 -18.54 -12.91 -24.95
N ARG B 136 -17.53 -13.77 -24.90
CA ARG B 136 -16.28 -13.67 -25.69
C ARG B 136 -15.59 -12.31 -25.61
N VAL B 137 -15.77 -11.64 -24.46
CA VAL B 137 -15.21 -10.31 -24.21
C VAL B 137 -13.70 -10.43 -24.04
N THR B 138 -12.96 -9.61 -24.78
CA THR B 138 -11.49 -9.56 -24.68
C THR B 138 -11.11 -9.22 -23.24
N PRO B 139 -10.33 -10.11 -22.59
CA PRO B 139 -9.90 -9.88 -21.21
C PRO B 139 -8.90 -8.73 -21.12
N ILE B 140 -8.75 -8.16 -19.92
CA ILE B 140 -7.92 -6.97 -19.72
C ILE B 140 -6.44 -7.16 -20.12
N PHE B 141 -5.85 -8.29 -19.74
CA PHE B 141 -4.45 -8.55 -20.06
C PHE B 141 -4.18 -8.71 -21.55
N ASP B 142 -5.12 -9.33 -22.27
CA ASP B 142 -5.10 -9.38 -23.74
C ASP B 142 -5.06 -7.98 -24.37
N ASN B 143 -5.92 -7.10 -23.88
CA ASN B 143 -5.95 -5.71 -24.31
C ASN B 143 -4.69 -4.94 -23.95
N ILE B 144 -4.11 -5.29 -22.80
CA ILE B 144 -2.84 -4.70 -22.37
C ILE B 144 -1.67 -5.16 -23.27
N ILE B 145 -1.60 -6.47 -23.55
CA ILE B 145 -0.63 -7.03 -24.52
C ILE B 145 -0.66 -6.28 -25.88
N SER B 146 -1.87 -6.04 -26.40
CA SER B 146 -2.07 -5.34 -27.68
C SER B 146 -1.47 -3.93 -27.73
N GLN B 147 -1.32 -3.30 -26.57
CA GLN B 147 -0.74 -1.95 -26.48
C GLN B 147 0.78 -1.92 -26.72
N GLY B 148 1.44 -3.07 -26.52
CA GLY B 148 2.87 -3.22 -26.73
C GLY B 148 3.73 -2.38 -25.79
N VAL B 149 3.28 -2.27 -24.54
CA VAL B 149 3.97 -1.42 -23.55
C VAL B 149 4.75 -2.23 -22.49
N LEU B 150 4.32 -3.46 -22.26
CA LEU B 150 4.91 -4.35 -21.24
C LEU B 150 6.31 -4.82 -21.63
N LYS B 151 7.17 -4.98 -20.62
CA LYS B 151 8.50 -5.55 -20.82
C LYS B 151 8.43 -7.04 -21.22
N GLU B 152 7.51 -7.78 -20.59
CA GLU B 152 7.21 -9.17 -20.93
C GLU B 152 5.70 -9.38 -20.86
N ASP B 153 5.17 -10.28 -21.70
CA ASP B 153 3.74 -10.65 -21.66
C ASP B 153 3.46 -11.59 -20.49
N VAL B 154 3.59 -11.02 -19.30
CA VAL B 154 3.76 -11.76 -18.05
C VAL B 154 3.11 -10.96 -16.91
N PHE B 155 2.48 -11.65 -15.97
CA PHE B 155 2.07 -11.01 -14.73
C PHE B 155 2.37 -11.86 -13.52
N SER B 156 2.55 -11.19 -12.37
CA SER B 156 3.04 -11.81 -11.17
C SER B 156 2.20 -11.49 -9.96
N PHE B 157 2.10 -12.46 -9.06
CA PHE B 157 1.34 -12.35 -7.82
C PHE B 157 2.22 -12.61 -6.62
N TYR B 158 2.20 -11.67 -5.67
CA TYR B 158 2.73 -11.88 -4.34
C TYR B 158 1.56 -11.76 -3.38
N TYR B 159 1.33 -12.81 -2.59
CA TYR B 159 0.41 -12.75 -1.47
C TYR B 159 1.19 -12.90 -0.17
N ASN B 160 1.15 -11.86 0.65
CA ASN B 160 1.75 -11.91 1.98
C ASN B 160 0.83 -12.59 2.99
N ARG B 161 1.43 -13.04 4.10
CA ARG B 161 0.73 -13.57 5.26
C ARG B 161 0.31 -12.40 6.14
N ASP B 162 -0.85 -12.53 6.78
CA ASP B 162 -1.48 -11.42 7.51
C ASP B 162 -0.83 -11.13 8.85
N SER B 168 2.47 -3.93 7.33
CA SER B 168 3.07 -4.68 6.22
C SER B 168 2.14 -4.85 5.02
N LEU B 169 2.73 -4.71 3.83
CA LEU B 169 2.06 -4.88 2.53
C LEU B 169 1.27 -6.20 2.46
N GLY B 170 0.02 -6.11 2.03
CA GLY B 170 -0.87 -7.27 1.94
C GLY B 170 -0.60 -8.16 0.74
N GLY B 171 0.04 -7.58 -0.28
CA GLY B 171 0.42 -8.30 -1.47
C GLY B 171 0.73 -7.33 -2.58
N GLN B 172 1.14 -7.87 -3.72
CA GLN B 172 1.43 -7.08 -4.92
C GLN B 172 1.18 -7.91 -6.19
N ILE B 173 0.62 -7.24 -7.21
CA ILE B 173 0.67 -7.78 -8.57
C ILE B 173 1.55 -6.89 -9.44
N VAL B 174 2.41 -7.53 -10.23
CA VAL B 174 3.19 -6.82 -11.24
C VAL B 174 2.69 -7.26 -12.60
N LEU B 175 2.33 -6.28 -13.43
CA LEU B 175 2.06 -6.51 -14.85
C LEU B 175 3.32 -6.20 -15.65
N GLY B 176 3.76 -7.17 -16.45
CA GLY B 176 4.91 -6.99 -17.35
C GLY B 176 6.23 -7.52 -16.83
N GLY B 177 6.21 -8.10 -15.64
CA GLY B 177 7.40 -8.62 -14.99
C GLY B 177 7.09 -9.18 -13.62
N SER B 178 8.11 -9.22 -12.78
CA SER B 178 8.03 -9.74 -11.41
C SER B 178 8.85 -8.84 -10.48
N ASP B 179 8.53 -8.84 -9.18
CA ASP B 179 9.31 -8.08 -8.21
C ASP B 179 10.27 -9.01 -7.42
N PRO B 180 11.59 -8.90 -7.71
CA PRO B 180 12.61 -9.73 -7.06
C PRO B 180 12.72 -9.52 -5.54
N GLN B 181 12.19 -8.41 -5.02
CA GLN B 181 12.15 -8.14 -3.59
C GLN B 181 11.21 -9.10 -2.84
N HIS B 182 10.31 -9.77 -3.56
CA HIS B 182 9.30 -10.63 -2.95
C HIS B 182 9.44 -12.15 -3.16
N TYR B 183 10.56 -12.57 -3.72
CA TYR B 183 10.89 -14.00 -3.81
C TYR B 183 12.38 -14.29 -3.68
N GLU B 184 12.69 -15.52 -3.28
CA GLU B 184 14.06 -16.02 -3.19
C GLU B 184 14.41 -16.88 -4.39
N GLY B 185 15.64 -16.73 -4.87
CA GLY B 185 16.18 -17.53 -5.95
C GLY B 185 15.57 -17.21 -7.30
N ASN B 186 15.28 -18.27 -8.04
CA ASN B 186 14.81 -18.18 -9.42
C ASN B 186 13.56 -18.99 -9.67
N PHE B 187 12.78 -18.58 -10.65
CA PHE B 187 11.57 -19.30 -11.05
C PHE B 187 11.86 -20.67 -11.66
N HIS B 188 11.03 -21.63 -11.27
CA HIS B 188 10.84 -22.84 -12.05
C HIS B 188 9.43 -22.82 -12.67
N TYR B 189 9.37 -23.12 -13.95
CA TYR B 189 8.13 -23.03 -14.75
C TYR B 189 7.50 -24.39 -15.01
N ILE B 190 6.17 -24.40 -15.09
CA ILE B 190 5.40 -25.59 -15.45
C ILE B 190 4.49 -25.17 -16.61
N ASN B 191 4.58 -25.89 -17.73
CA ASN B 191 3.76 -25.60 -18.90
C ASN B 191 2.30 -25.95 -18.67
N LEU B 192 1.40 -25.12 -19.19
CA LEU B 192 -0.03 -25.42 -19.21
C LEU B 192 -0.31 -26.67 -20.05
N ILE B 193 -1.33 -27.43 -19.65
CA ILE B 193 -1.77 -28.63 -20.38
C ILE B 193 -2.25 -28.22 -21.77
N LYS B 194 -3.08 -27.17 -21.79
CA LYS B 194 -3.55 -26.56 -23.03
C LYS B 194 -3.76 -25.08 -22.82
N THR B 195 -3.80 -24.33 -23.93
CA THR B 195 -4.16 -22.92 -23.91
C THR B 195 -5.62 -22.74 -23.43
N GLY B 196 -5.91 -21.57 -22.87
CA GLY B 196 -7.29 -21.25 -22.51
C GLY B 196 -7.64 -21.30 -21.03
N VAL B 197 -6.74 -21.84 -20.21
CA VAL B 197 -6.98 -22.05 -18.78
C VAL B 197 -5.65 -22.17 -18.04
N TRP B 198 -5.50 -21.47 -16.92
CA TRP B 198 -4.28 -21.54 -16.10
C TRP B 198 -4.25 -22.82 -15.28
N GLN B 199 -4.10 -23.94 -15.98
CA GLN B 199 -4.23 -25.26 -15.38
C GLN B 199 -3.05 -26.13 -15.77
N ILE B 200 -2.44 -26.76 -14.77
CA ILE B 200 -1.22 -27.56 -14.94
C ILE B 200 -1.40 -29.02 -14.51
N GLN B 201 -0.52 -29.89 -15.00
CA GLN B 201 -0.49 -31.29 -14.56
C GLN B 201 0.19 -31.39 -13.21
N MET B 202 -0.51 -32.01 -12.26
CA MET B 202 0.07 -32.40 -10.98
C MET B 202 0.35 -33.90 -11.01
N LYS B 203 1.54 -34.30 -10.57
CA LYS B 203 1.95 -35.70 -10.64
C LYS B 203 2.09 -36.34 -9.25
N GLY B 204 1.31 -35.84 -8.28
CA GLY B 204 1.28 -36.39 -6.94
C GLY B 204 1.06 -35.37 -5.83
N VAL B 205 0.18 -35.71 -4.88
CA VAL B 205 0.03 -34.94 -3.64
C VAL B 205 0.48 -35.84 -2.49
N SER B 206 1.59 -35.46 -1.88
CA SER B 206 2.20 -36.22 -0.79
C SER B 206 1.85 -35.63 0.58
N VAL B 207 1.68 -36.52 1.54
CA VAL B 207 1.57 -36.15 2.96
C VAL B 207 2.80 -36.76 3.64
N GLY B 208 3.75 -35.89 4.02
CA GLY B 208 5.08 -36.32 4.45
C GLY B 208 5.91 -36.80 3.25
N SER B 209 6.52 -37.97 3.38
CA SER B 209 7.34 -38.56 2.31
C SER B 209 6.56 -39.51 1.38
N SER B 210 5.37 -39.91 1.80
CA SER B 210 4.52 -40.83 1.03
C SER B 210 3.43 -40.10 0.24
N THR B 211 3.35 -40.42 -1.06
CA THR B 211 2.34 -39.89 -1.98
C THR B 211 1.00 -40.60 -1.78
N LEU B 212 0.10 -39.97 -1.03
CA LEU B 212 -1.22 -40.52 -0.73
C LEU B 212 -2.20 -40.34 -1.89
N LEU B 213 -2.16 -39.16 -2.52
CA LEU B 213 -3.14 -38.76 -3.54
C LEU B 213 -2.49 -38.34 -4.85
N CYS B 214 -3.29 -38.32 -5.91
CA CYS B 214 -2.90 -37.81 -7.23
C CYS B 214 -1.84 -38.70 -7.92
N GLU B 215 -1.77 -39.96 -7.48
CA GLU B 215 -0.73 -40.92 -7.91
C GLU B 215 -0.70 -41.14 -9.42
N ASP B 216 -1.88 -41.12 -10.05
CA ASP B 216 -2.03 -41.25 -11.51
C ASP B 216 -1.88 -39.92 -12.24
N GLY B 217 -2.03 -38.81 -11.51
CA GLY B 217 -1.95 -37.47 -12.07
C GLY B 217 -3.26 -36.70 -12.00
N CYS B 218 -3.17 -35.39 -11.74
CA CYS B 218 -4.35 -34.51 -11.68
C CYS B 218 -4.18 -33.25 -12.50
N LEU B 219 -5.30 -32.57 -12.72
CA LEU B 219 -5.31 -31.20 -13.16
C LEU B 219 -5.20 -30.31 -11.93
N ALA B 220 -4.42 -29.24 -12.04
CA ALA B 220 -4.23 -28.29 -10.95
C ALA B 220 -4.38 -26.87 -11.49
N LEU B 221 -5.47 -26.22 -11.09
CA LEU B 221 -5.74 -24.85 -11.48
C LEU B 221 -5.04 -23.89 -10.55
N VAL B 222 -4.25 -22.97 -11.11
CA VAL B 222 -3.55 -21.97 -10.29
C VAL B 222 -4.41 -20.72 -10.26
N ASP B 223 -5.23 -20.62 -9.22
CA ASP B 223 -6.35 -19.69 -9.17
C ASP B 223 -6.14 -18.63 -8.09
N THR B 224 -5.69 -17.46 -8.52
CA THR B 224 -5.35 -16.35 -7.63
C THR B 224 -6.58 -15.70 -6.99
N GLY B 225 -7.76 -16.01 -7.51
CA GLY B 225 -9.02 -15.50 -6.97
C GLY B 225 -9.70 -16.40 -5.96
N ALA B 226 -9.06 -17.53 -5.65
CA ALA B 226 -9.54 -18.48 -4.65
C ALA B 226 -8.74 -18.33 -3.35
N SER B 227 -9.42 -18.48 -2.20
CA SER B 227 -8.80 -18.30 -0.89
C SER B 227 -7.87 -19.44 -0.53
N TYR B 228 -8.22 -20.65 -0.94
CA TYR B 228 -7.62 -21.85 -0.39
C TYR B 228 -7.01 -22.76 -1.45
N ILE B 229 -6.24 -23.75 -0.98
CA ILE B 229 -5.95 -24.94 -1.77
C ILE B 229 -7.20 -25.81 -1.68
N SER B 230 -7.77 -26.14 -2.84
CA SER B 230 -8.93 -27.00 -2.88
C SER B 230 -8.72 -28.23 -3.76
N GLY B 231 -9.41 -29.31 -3.40
CA GLY B 231 -9.49 -30.52 -4.22
C GLY B 231 -10.92 -31.01 -4.19
N SER B 232 -11.18 -32.14 -4.83
CA SER B 232 -12.50 -32.78 -4.80
C SER B 232 -12.83 -33.24 -3.37
N THR B 233 -14.12 -33.40 -3.09
CA THR B 233 -14.59 -33.85 -1.76
C THR B 233 -13.88 -35.14 -1.33
N SER B 234 -13.86 -36.14 -2.22
CA SER B 234 -13.20 -37.43 -1.95
C SER B 234 -11.69 -37.33 -1.71
N SER B 235 -11.02 -36.44 -2.45
CA SER B 235 -9.58 -36.23 -2.30
C SER B 235 -9.25 -35.57 -0.96
N ILE B 236 -9.96 -34.49 -0.65
CA ILE B 236 -9.80 -33.76 0.61
C ILE B 236 -10.14 -34.62 1.83
N GLU B 237 -11.20 -35.43 1.73
CA GLU B 237 -11.53 -36.42 2.77
C GLU B 237 -10.38 -37.36 3.11
N LYS B 238 -9.71 -37.87 2.07
CA LYS B 238 -8.55 -38.76 2.24
C LYS B 238 -7.34 -38.02 2.79
N LEU B 239 -7.16 -36.76 2.37
CA LEU B 239 -6.08 -35.90 2.82
C LEU B 239 -6.19 -35.58 4.32
N MET B 240 -7.40 -35.23 4.75
CA MET B 240 -7.65 -34.83 6.12
C MET B 240 -7.56 -36.01 7.08
N GLU B 241 -7.97 -37.18 6.60
CA GLU B 241 -7.81 -38.44 7.33
C GLU B 241 -6.32 -38.77 7.55
N ALA B 242 -5.49 -38.49 6.55
CA ALA B 242 -4.03 -38.64 6.65
C ALA B 242 -3.39 -37.66 7.63
N LEU B 243 -3.97 -36.46 7.75
CA LEU B 243 -3.48 -35.44 8.68
C LEU B 243 -4.01 -35.63 10.10
N GLY B 244 -5.15 -36.30 10.23
CA GLY B 244 -5.83 -36.46 11.51
C GLY B 244 -6.82 -35.33 11.82
N ALA B 245 -7.15 -34.55 10.78
CA ALA B 245 -8.13 -33.46 10.88
C ALA B 245 -9.57 -34.00 10.83
N LYS B 246 -10.43 -33.40 11.66
CA LYS B 246 -11.85 -33.76 11.75
C LYS B 246 -12.72 -32.61 11.23
N LYS B 247 -13.90 -32.96 10.71
CA LYS B 247 -14.83 -31.99 10.14
C LYS B 247 -15.72 -31.38 11.22
N ARG B 248 -15.73 -30.05 11.28
CA ARG B 248 -16.54 -29.29 12.25
C ARG B 248 -17.92 -28.96 11.69
N ASP B 251 -16.34 -27.27 8.00
CA ASP B 251 -14.98 -27.44 7.49
C ASP B 251 -14.00 -28.11 8.49
N TYR B 252 -12.76 -28.32 8.07
CA TYR B 252 -11.80 -29.19 8.78
C TYR B 252 -10.94 -28.50 9.84
N VAL B 253 -10.84 -29.14 11.02
CA VAL B 253 -10.10 -28.60 12.17
C VAL B 253 -9.08 -29.57 12.80
N VAL B 254 -8.07 -28.99 13.46
CA VAL B 254 -7.18 -29.71 14.38
C VAL B 254 -7.06 -28.94 15.69
N LYS B 255 -6.57 -29.61 16.73
CA LYS B 255 -6.18 -28.96 17.99
C LYS B 255 -4.99 -28.03 17.71
N CYS B 256 -5.13 -26.77 18.13
CA CYS B 256 -4.16 -25.71 17.82
C CYS B 256 -2.71 -26.05 18.19
N ASN B 257 -2.52 -26.67 19.36
CA ASN B 257 -1.20 -27.15 19.79
C ASN B 257 -0.62 -28.23 18.87
N GLU B 258 -1.48 -29.09 18.33
CA GLU B 258 -1.08 -30.21 17.47
C GLU B 258 -0.77 -29.78 16.04
N GLY B 259 -1.11 -28.54 15.69
CA GLY B 259 -0.81 -27.94 14.38
C GLY B 259 0.62 -28.15 13.90
N PRO B 260 1.64 -27.68 14.68
CA PRO B 260 3.06 -27.93 14.39
C PRO B 260 3.47 -29.39 14.07
N THR B 261 2.81 -30.39 14.66
CA THR B 261 3.13 -31.82 14.38
C THR B 261 2.59 -32.38 13.06
N LEU B 262 1.73 -31.62 12.38
CA LEU B 262 1.16 -32.09 11.11
C LEU B 262 2.20 -32.15 10.00
N PRO B 263 2.22 -33.29 9.26
CA PRO B 263 3.14 -33.50 8.13
C PRO B 263 3.05 -32.45 7.03
N ASP B 264 4.16 -32.23 6.34
CA ASP B 264 4.22 -31.36 5.17
C ASP B 264 3.34 -31.91 4.06
N ILE B 265 2.67 -31.02 3.34
CA ILE B 265 1.92 -31.41 2.15
C ILE B 265 2.72 -30.93 0.93
N SER B 266 3.08 -31.88 0.08
CA SER B 266 3.86 -31.59 -1.13
C SER B 266 3.03 -31.80 -2.38
N PHE B 267 3.17 -30.87 -3.32
CA PHE B 267 2.47 -30.92 -4.60
C PHE B 267 3.54 -31.10 -5.67
N HIS B 268 3.42 -32.20 -6.43
CA HIS B 268 4.40 -32.53 -7.45
C HIS B 268 4.01 -31.85 -8.76
N LEU B 269 4.76 -30.79 -9.10
CA LEU B 269 4.48 -29.96 -10.28
C LEU B 269 5.76 -29.72 -11.04
N GLY B 270 5.73 -30.02 -12.35
CA GLY B 270 6.88 -29.86 -13.24
C GLY B 270 8.15 -30.59 -12.82
N GLY B 271 7.98 -31.78 -12.24
CA GLY B 271 9.08 -32.56 -11.70
C GLY B 271 9.75 -31.96 -10.47
N LYS B 272 9.00 -31.14 -9.73
CA LYS B 272 9.48 -30.53 -8.49
C LYS B 272 8.46 -30.72 -7.38
N GLU B 273 8.95 -30.76 -6.14
CA GLU B 273 8.12 -30.87 -4.96
C GLU B 273 7.83 -29.49 -4.37
N TYR B 274 6.58 -29.05 -4.48
CA TYR B 274 6.16 -27.81 -3.87
C TYR B 274 5.54 -28.11 -2.52
N THR B 275 6.35 -27.89 -1.49
CA THR B 275 6.04 -28.30 -0.13
C THR B 275 5.49 -27.12 0.68
N LEU B 276 4.35 -27.37 1.31
CA LEU B 276 3.82 -26.48 2.34
C LEU B 276 3.92 -27.21 3.68
N THR B 277 4.56 -26.55 4.65
CA THR B 277 4.60 -27.05 6.04
C THR B 277 3.28 -26.72 6.73
N SER B 278 3.10 -27.21 7.95
CA SER B 278 1.85 -26.96 8.67
C SER B 278 1.65 -25.49 9.00
N ALA B 279 2.76 -24.76 9.17
CA ALA B 279 2.74 -23.30 9.35
C ALA B 279 2.14 -22.56 8.13
N ASP B 280 2.13 -23.21 6.97
CA ASP B 280 1.62 -22.64 5.72
C ASP B 280 0.15 -22.96 5.42
N TYR B 281 -0.39 -24.03 6.02
CA TYR B 281 -1.79 -24.41 5.75
C TYR B 281 -2.71 -24.51 6.98
N VAL B 282 -2.14 -24.32 8.17
CA VAL B 282 -2.95 -24.23 9.38
C VAL B 282 -3.03 -22.75 9.78
N PHE B 283 -4.26 -22.25 9.92
CA PHE B 283 -4.47 -20.93 10.51
C PHE B 283 -4.17 -21.00 11.99
N GLN B 284 -2.90 -20.78 12.34
CA GLN B 284 -2.46 -20.85 13.74
C GLN B 284 -2.89 -19.60 14.52
N GLU B 285 -4.20 -19.49 14.75
CA GLU B 285 -4.81 -18.40 15.53
C GLU B 285 -4.39 -18.47 17.00
N SER B 286 -3.94 -19.66 17.41
CA SER B 286 -3.44 -19.96 18.76
C SER B 286 -2.52 -21.18 18.69
N TYR B 287 -1.76 -21.43 19.74
CA TYR B 287 -0.94 -22.65 19.86
C TYR B 287 -1.35 -23.47 21.08
N SER B 288 -2.59 -23.26 21.52
CA SER B 288 -3.14 -23.85 22.74
C SER B 288 -3.66 -25.26 22.56
N SER B 289 -3.62 -26.04 23.65
CA SER B 289 -4.24 -27.37 23.72
C SER B 289 -5.72 -27.28 24.10
N LYS B 290 -6.27 -26.07 24.05
CA LYS B 290 -7.62 -25.75 24.54
C LYS B 290 -8.51 -25.18 23.44
N LYS B 291 -7.91 -24.87 22.28
CA LYS B 291 -8.62 -24.27 21.15
C LYS B 291 -8.44 -25.06 19.86
N LEU B 292 -9.44 -24.99 18.97
CA LEU B 292 -9.37 -25.65 17.67
C LEU B 292 -8.95 -24.69 16.59
N CYS B 293 -7.96 -25.12 15.80
CA CYS B 293 -7.47 -24.36 14.67
C CYS B 293 -7.96 -24.94 13.36
N THR B 294 -8.15 -24.07 12.38
CA THR B 294 -8.74 -24.45 11.11
C THR B 294 -7.69 -24.49 10.00
N LEU B 295 -7.94 -25.34 9.00
CA LEU B 295 -7.01 -25.51 7.89
C LEU B 295 -7.41 -24.70 6.66
N ALA B 296 -6.40 -24.20 5.95
CA ALA B 296 -6.58 -23.40 4.73
C ALA B 296 -6.72 -24.28 3.49
N ILE B 297 -7.40 -25.40 3.66
CA ILE B 297 -7.64 -26.39 2.61
C ILE B 297 -9.11 -26.79 2.70
N HIS B 298 -9.81 -26.72 1.58
CA HIS B 298 -11.25 -27.01 1.52
C HIS B 298 -11.60 -27.95 0.38
N ALA B 299 -12.72 -28.65 0.52
CA ALA B 299 -13.31 -29.40 -0.60
C ALA B 299 -13.98 -28.40 -1.54
N MET B 300 -13.79 -28.63 -2.84
CA MET B 300 -14.42 -27.82 -3.89
C MET B 300 -14.53 -28.70 -5.11
N ASP B 301 -15.76 -29.14 -5.41
CA ASP B 301 -16.02 -29.90 -6.61
C ASP B 301 -16.26 -28.96 -7.78
N ILE B 302 -15.26 -28.85 -8.64
CA ILE B 302 -15.34 -28.00 -9.82
C ILE B 302 -15.88 -28.85 -10.97
N PRO B 303 -17.01 -28.41 -11.58
CA PRO B 303 -17.65 -29.17 -12.68
C PRO B 303 -16.85 -29.11 -14.01
N PRO B 304 -17.15 -30.05 -14.96
CA PRO B 304 -16.58 -29.99 -16.32
C PRO B 304 -16.95 -28.71 -17.09
N PRO B 305 -16.15 -28.27 -18.09
CA PRO B 305 -14.95 -28.99 -18.58
C PRO B 305 -13.70 -28.75 -17.74
N THR B 306 -13.68 -27.64 -17.02
CA THR B 306 -12.55 -27.17 -16.23
C THR B 306 -12.17 -28.14 -15.10
N GLY B 307 -13.18 -28.79 -14.51
CA GLY B 307 -12.97 -29.81 -13.48
C GLY B 307 -13.33 -31.22 -13.92
N PRO B 308 -13.21 -32.24 -13.04
CA PRO B 308 -12.68 -32.07 -11.67
C PRO B 308 -11.20 -31.75 -11.62
N THR B 309 -10.83 -30.86 -10.70
CA THR B 309 -9.47 -30.34 -10.60
C THR B 309 -9.13 -29.92 -9.17
N TRP B 310 -7.85 -29.96 -8.85
CA TRP B 310 -7.35 -29.23 -7.69
C TRP B 310 -7.29 -27.75 -8.06
N ALA B 311 -7.40 -26.89 -7.06
CA ALA B 311 -7.19 -25.46 -7.25
C ALA B 311 -6.16 -24.99 -6.24
N LEU B 312 -5.10 -24.38 -6.75
CA LEU B 312 -4.05 -23.81 -5.91
C LEU B 312 -4.32 -22.32 -5.75
N GLY B 313 -5.00 -21.97 -4.67
CA GLY B 313 -5.37 -20.60 -4.38
C GLY B 313 -4.38 -19.87 -3.49
N ALA B 314 -4.88 -18.87 -2.77
CA ALA B 314 -4.08 -17.97 -1.94
C ALA B 314 -3.13 -18.69 -0.98
N THR B 315 -3.59 -19.80 -0.39
CA THR B 315 -2.77 -20.68 0.46
C THR B 315 -1.45 -21.09 -0.21
N PHE B 316 -1.53 -21.47 -1.50
CA PHE B 316 -0.34 -21.84 -2.29
C PHE B 316 0.51 -20.63 -2.67
N ILE B 317 -0.16 -19.57 -3.16
CA ILE B 317 0.51 -18.33 -3.60
C ILE B 317 1.25 -17.60 -2.47
N ARG B 318 0.75 -17.72 -1.25
CA ARG B 318 1.45 -17.21 -0.07
C ARG B 318 2.82 -17.85 0.10
N LYS B 319 2.91 -19.16 -0.13
CA LYS B 319 4.17 -19.87 -0.05
C LYS B 319 5.01 -19.63 -1.31
N PHE B 320 4.34 -19.64 -2.48
CA PHE B 320 5.04 -19.49 -3.75
C PHE B 320 4.61 -18.28 -4.58
N TYR B 321 5.53 -17.32 -4.67
CA TYR B 321 5.44 -16.21 -5.61
C TYR B 321 5.22 -16.79 -7.03
N THR B 322 4.18 -16.30 -7.70
CA THR B 322 3.69 -16.92 -8.92
C THR B 322 3.76 -15.97 -10.11
N GLU B 323 4.36 -16.44 -11.20
CA GLU B 323 4.43 -15.69 -12.44
C GLU B 323 3.64 -16.38 -13.55
N PHE B 324 2.71 -15.64 -14.17
CA PHE B 324 1.88 -16.16 -15.25
C PHE B 324 2.40 -15.65 -16.58
N ASP B 325 2.83 -16.59 -17.41
CA ASP B 325 3.51 -16.32 -18.66
C ASP B 325 2.59 -16.61 -19.86
N ARG B 326 1.96 -15.56 -20.38
CA ARG B 326 1.10 -15.68 -21.57
C ARG B 326 1.86 -15.90 -22.89
N ARG B 327 3.12 -15.45 -22.93
CA ARG B 327 4.00 -15.66 -24.09
C ARG B 327 4.34 -17.13 -24.29
N ASN B 328 4.55 -17.86 -23.19
CA ASN B 328 4.97 -19.26 -23.23
C ASN B 328 3.94 -20.27 -22.74
N ASN B 329 2.78 -19.76 -22.30
CA ASN B 329 1.71 -20.58 -21.67
C ASN B 329 2.26 -21.51 -20.60
N ARG B 330 2.81 -20.88 -19.57
CA ARG B 330 3.44 -21.58 -18.45
C ARG B 330 3.31 -20.74 -17.21
N ILE B 331 3.43 -21.38 -16.06
CA ILE B 331 3.32 -20.73 -14.77
C ILE B 331 4.63 -20.96 -14.02
N GLY B 332 5.18 -19.88 -13.48
CA GLY B 332 6.43 -19.94 -12.72
C GLY B 332 6.25 -19.76 -11.24
N PHE B 333 6.98 -20.55 -10.46
CA PHE B 333 6.98 -20.44 -9.01
C PHE B 333 8.37 -20.18 -8.47
N ALA B 334 8.42 -19.36 -7.43
CA ALA B 334 9.63 -19.14 -6.62
C ALA B 334 9.17 -18.98 -5.18
N LEU B 335 10.09 -19.21 -4.25
CA LEU B 335 9.80 -19.14 -2.83
C LEU B 335 9.57 -17.69 -2.41
N ALA B 336 8.35 -17.40 -1.95
CA ALA B 336 7.93 -16.03 -1.59
C ALA B 336 8.66 -15.48 -0.36
N ARG B 337 8.85 -14.15 -0.34
CA ARG B 337 9.43 -13.42 0.80
C ARG B 337 8.96 -11.96 0.80
#